data_3QK4
# 
_entry.id   3QK4 
# 
_audit_conform.dict_name       mmcif_pdbx.dic 
_audit_conform.dict_version    5.389 
_audit_conform.dict_location   http://mmcif.pdb.org/dictionaries/ascii/mmcif_pdbx.dic 
# 
loop_
_database_2.database_id 
_database_2.database_code 
_database_2.pdbx_database_accession 
_database_2.pdbx_DOI 
PDB   3QK4         pdb_00003qk4 10.2210/pdb3qk4/pdb 
NDB   NA0937       ?            ?                   
RCSB  RCSB063745   ?            ?                   
WWPDB D_1000063745 ?            ?                   
# 
loop_
_pdbx_audit_revision_history.ordinal 
_pdbx_audit_revision_history.data_content_type 
_pdbx_audit_revision_history.major_revision 
_pdbx_audit_revision_history.minor_revision 
_pdbx_audit_revision_history.revision_date 
1 'Structure model' 1 0 2011-03-02 
2 'Structure model' 1 1 2011-07-13 
3 'Structure model' 1 2 2024-03-20 
4 'Structure model' 1 3 2024-04-03 
# 
_pdbx_audit_revision_details.ordinal             1 
_pdbx_audit_revision_details.revision_ordinal    1 
_pdbx_audit_revision_details.data_content_type   'Structure model' 
_pdbx_audit_revision_details.provider            repository 
_pdbx_audit_revision_details.type                'Initial release' 
_pdbx_audit_revision_details.description         ? 
_pdbx_audit_revision_details.details             ? 
# 
loop_
_pdbx_audit_revision_group.ordinal 
_pdbx_audit_revision_group.revision_ordinal 
_pdbx_audit_revision_group.data_content_type 
_pdbx_audit_revision_group.group 
1 2 'Structure model' 'Version format compliance' 
2 3 'Structure model' 'Data collection'           
3 3 'Structure model' 'Database references'       
4 4 'Structure model' 'Refinement description'    
# 
loop_
_pdbx_audit_revision_category.ordinal 
_pdbx_audit_revision_category.revision_ordinal 
_pdbx_audit_revision_category.data_content_type 
_pdbx_audit_revision_category.category 
1 3 'Structure model' chem_comp_atom                
2 3 'Structure model' chem_comp_bond                
3 3 'Structure model' database_2                    
4 4 'Structure model' pdbx_initial_refinement_model 
# 
loop_
_pdbx_audit_revision_item.ordinal 
_pdbx_audit_revision_item.revision_ordinal 
_pdbx_audit_revision_item.data_content_type 
_pdbx_audit_revision_item.item 
1 3 'Structure model' '_database_2.pdbx_DOI'                
2 3 'Structure model' '_database_2.pdbx_database_accession' 
# 
_pdbx_database_status.status_code                     REL 
_pdbx_database_status.entry_id                        3QK4 
_pdbx_database_status.recvd_initial_deposition_date   2011-01-31 
_pdbx_database_status.deposit_site                    RCSB 
_pdbx_database_status.process_site                    PDBJ 
_pdbx_database_status.status_code_sf                  REL 
_pdbx_database_status.status_code_mr                  ? 
_pdbx_database_status.SG_entry                        ? 
_pdbx_database_status.status_code_cs                  ? 
_pdbx_database_status.pdb_format_compatible           Y 
_pdbx_database_status.status_code_nmr_data            ? 
_pdbx_database_status.methods_development_category    ? 
# 
loop_
_audit_author.name 
_audit_author.pdbx_ordinal 
'Venkadesh, S.' 1 
'Mandal, P.K.'  2 
'Gautham, N.'   3 
# 
_citation.id                        primary 
_citation.title                     'The structure of a full turn of an A-DNA duplex d(CGCGGGTACCCGCG)(2)' 
_citation.journal_abbrev            Biochem.Biophys.Res.Commun. 
_citation.journal_volume            407 
_citation.page_first                307 
_citation.page_last                 312 
_citation.year                      2011 
_citation.journal_id_ASTM           BBRCA9 
_citation.country                   US 
_citation.journal_id_ISSN           0006-291X 
_citation.journal_id_CSD            0146 
_citation.book_publisher            ? 
_citation.pdbx_database_id_PubMed   21397589 
_citation.pdbx_database_id_DOI      10.1016/j.bbrc.2011.03.007 
# 
loop_
_citation_author.citation_id 
_citation_author.name 
_citation_author.ordinal 
_citation_author.identifier_ORCID 
primary 'Venkadesh, S.' 1 ? 
primary 'Mandal, P.K.'  2 ? 
primary 'Gautham, N.'   3 ? 
# 
loop_
_entity.id 
_entity.type 
_entity.src_method 
_entity.pdbx_description 
_entity.formula_weight 
_entity.pdbx_number_of_molecules 
_entity.pdbx_ec 
_entity.pdbx_mutation 
_entity.pdbx_fragment 
_entity.details 
1 polymer syn 
;DNA (5'-D(*CP*GP*CP*GP*GP*GP*TP*AP*CP*CP*CP*GP*CP*G)-3')
;
4282.768 2  ? ? ? ? 
2 water   nat water                                                      18.015   46 ? ? ? ? 
# 
_entity_poly.entity_id                      1 
_entity_poly.type                           polydeoxyribonucleotide 
_entity_poly.nstd_linkage                   no 
_entity_poly.nstd_monomer                   no 
_entity_poly.pdbx_seq_one_letter_code       '(DC)(DG)(DC)(DG)(DG)(DG)(DT)(DA)(DC)(DC)(DC)(DG)(DC)(DG)' 
_entity_poly.pdbx_seq_one_letter_code_can   CGCGGGTACCCGCG 
_entity_poly.pdbx_strand_id                 A,B 
_entity_poly.pdbx_target_identifier         ? 
# 
_pdbx_entity_nonpoly.entity_id   2 
_pdbx_entity_nonpoly.name        water 
_pdbx_entity_nonpoly.comp_id     HOH 
# 
loop_
_entity_poly_seq.entity_id 
_entity_poly_seq.num 
_entity_poly_seq.mon_id 
_entity_poly_seq.hetero 
1 1  DC n 
1 2  DG n 
1 3  DC n 
1 4  DG n 
1 5  DG n 
1 6  DG n 
1 7  DT n 
1 8  DA n 
1 9  DC n 
1 10 DC n 
1 11 DC n 
1 12 DG n 
1 13 DC n 
1 14 DG n 
# 
_pdbx_entity_src_syn.entity_id              1 
_pdbx_entity_src_syn.pdbx_src_id            1 
_pdbx_entity_src_syn.pdbx_alt_source_flag   sample 
_pdbx_entity_src_syn.pdbx_beg_seq_num       ? 
_pdbx_entity_src_syn.pdbx_end_seq_num       ? 
_pdbx_entity_src_syn.organism_scientific    ? 
_pdbx_entity_src_syn.organism_common_name   ? 
_pdbx_entity_src_syn.ncbi_taxonomy_id       ? 
_pdbx_entity_src_syn.details                'Chemically synthesized' 
# 
loop_
_chem_comp.id 
_chem_comp.type 
_chem_comp.mon_nstd_flag 
_chem_comp.name 
_chem_comp.pdbx_synonyms 
_chem_comp.formula 
_chem_comp.formula_weight 
DA  'DNA linking' y "2'-DEOXYADENOSINE-5'-MONOPHOSPHATE" ? 'C10 H14 N5 O6 P' 331.222 
DC  'DNA linking' y "2'-DEOXYCYTIDINE-5'-MONOPHOSPHATE"  ? 'C9 H14 N3 O7 P'  307.197 
DG  'DNA linking' y "2'-DEOXYGUANOSINE-5'-MONOPHOSPHATE" ? 'C10 H14 N5 O7 P' 347.221 
DT  'DNA linking' y "THYMIDINE-5'-MONOPHOSPHATE"         ? 'C10 H15 N2 O8 P' 322.208 
HOH non-polymer   . WATER                                ? 'H2 O'            18.015  
# 
loop_
_pdbx_poly_seq_scheme.asym_id 
_pdbx_poly_seq_scheme.entity_id 
_pdbx_poly_seq_scheme.seq_id 
_pdbx_poly_seq_scheme.mon_id 
_pdbx_poly_seq_scheme.ndb_seq_num 
_pdbx_poly_seq_scheme.pdb_seq_num 
_pdbx_poly_seq_scheme.auth_seq_num 
_pdbx_poly_seq_scheme.pdb_mon_id 
_pdbx_poly_seq_scheme.auth_mon_id 
_pdbx_poly_seq_scheme.pdb_strand_id 
_pdbx_poly_seq_scheme.pdb_ins_code 
_pdbx_poly_seq_scheme.hetero 
A 1 1  DC 1  1  1  DC DC A . n 
A 1 2  DG 2  2  2  DG DG A . n 
A 1 3  DC 3  3  3  DC DC A . n 
A 1 4  DG 4  4  4  DG DG A . n 
A 1 5  DG 5  5  5  DG DG A . n 
A 1 6  DG 6  6  6  DG DG A . n 
A 1 7  DT 7  7  7  DT DT A . n 
A 1 8  DA 8  8  8  DA DA A . n 
A 1 9  DC 9  9  9  DC DC A . n 
A 1 10 DC 10 10 10 DC DC A . n 
A 1 11 DC 11 11 11 DC DC A . n 
A 1 12 DG 12 12 12 DG DG A . n 
A 1 13 DC 13 13 13 DC DC A . n 
A 1 14 DG 14 14 14 DG DG A . n 
B 1 1  DC 1  1  1  DC DC B . n 
B 1 2  DG 2  2  2  DG DG B . n 
B 1 3  DC 3  3  3  DC DC B . n 
B 1 4  DG 4  4  4  DG DG B . n 
B 1 5  DG 5  5  5  DG DG B . n 
B 1 6  DG 6  6  6  DG DG B . n 
B 1 7  DT 7  7  7  DT DT B . n 
B 1 8  DA 8  8  8  DA DA B . n 
B 1 9  DC 9  9  9  DC DC B . n 
B 1 10 DC 10 10 10 DC DC B . n 
B 1 11 DC 11 11 11 DC DC B . n 
B 1 12 DG 12 12 12 DG DG B . n 
B 1 13 DC 13 13 13 DC DC B . n 
B 1 14 DG 14 14 14 DG DG B . n 
# 
loop_
_pdbx_nonpoly_scheme.asym_id 
_pdbx_nonpoly_scheme.entity_id 
_pdbx_nonpoly_scheme.mon_id 
_pdbx_nonpoly_scheme.ndb_seq_num 
_pdbx_nonpoly_scheme.pdb_seq_num 
_pdbx_nonpoly_scheme.auth_seq_num 
_pdbx_nonpoly_scheme.pdb_mon_id 
_pdbx_nonpoly_scheme.auth_mon_id 
_pdbx_nonpoly_scheme.pdb_strand_id 
_pdbx_nonpoly_scheme.pdb_ins_code 
C 2 HOH 1  15 15 HOH HOH A . 
C 2 HOH 2  16 16 HOH HOH A . 
C 2 HOH 3  17 17 HOH HOH A . 
C 2 HOH 4  18 18 HOH HOH A . 
C 2 HOH 5  19 1  HOH HOH A . 
C 2 HOH 6  20 3  HOH HOH A . 
C 2 HOH 7  21 6  HOH HOH A . 
C 2 HOH 8  22 5  HOH HOH A . 
C 2 HOH 9  23 8  HOH HOH A . 
C 2 HOH 10 24 24 HOH HOH A . 
C 2 HOH 11 25 10 HOH HOH A . 
C 2 HOH 12 26 13 HOH HOH A . 
C 2 HOH 13 27 27 HOH HOH A . 
C 2 HOH 14 28 12 HOH HOH A . 
C 2 HOH 15 29 29 HOH HOH A . 
C 2 HOH 16 31 31 HOH HOH A . 
C 2 HOH 17 32 32 HOH HOH A . 
C 2 HOH 18 36 36 HOH HOH A . 
C 2 HOH 19 37 37 HOH HOH A . 
C 2 HOH 20 38 38 HOH HOH A . 
C 2 HOH 21 39 39 HOH HOH A . 
C 2 HOH 22 40 40 HOH HOH A . 
C 2 HOH 23 41 41 HOH HOH A . 
C 2 HOH 24 45 45 HOH HOH A . 
D 2 HOH 1  15 2  HOH HOH B . 
D 2 HOH 2  16 4  HOH HOH B . 
D 2 HOH 3  18 7  HOH HOH B . 
D 2 HOH 4  19 19 HOH HOH B . 
D 2 HOH 5  20 20 HOH HOH B . 
D 2 HOH 6  21 21 HOH HOH B . 
D 2 HOH 7  22 22 HOH HOH B . 
D 2 HOH 8  23 23 HOH HOH B . 
D 2 HOH 9  24 11 HOH HOH B . 
D 2 HOH 10 25 25 HOH HOH B . 
D 2 HOH 11 26 26 HOH HOH B . 
D 2 HOH 12 27 9  HOH HOH B . 
D 2 HOH 13 28 14 HOH HOH B . 
D 2 HOH 14 29 28 HOH HOH B . 
D 2 HOH 15 30 30 HOH HOH B . 
D 2 HOH 16 33 33 HOH HOH B . 
D 2 HOH 17 34 34 HOH HOH B . 
D 2 HOH 18 35 35 HOH HOH B . 
D 2 HOH 19 42 42 HOH HOH B . 
D 2 HOH 20 43 43 HOH HOH B . 
D 2 HOH 21 44 44 HOH HOH B . 
D 2 HOH 22 46 46 HOH HOH B . 
# 
loop_
_software.name 
_software.classification 
_software.version 
_software.citation_id 
_software.pdbx_ordinal 
MAR345dtb 'data collection' .        ? 1 
AMoRE     phasing           .        ? 2 
REFMAC    refinement        5.5.0109 ? 3 
AUTOMAR   'data reduction'  .        ? 4 
# 
_cell.entry_id           3QK4 
_cell.length_a           28.988 
_cell.length_b           28.988 
_cell.length_c           87.662 
_cell.angle_alpha        90.00 
_cell.angle_beta         90.00 
_cell.angle_gamma        90.00 
_cell.Z_PDB              8 
_cell.pdbx_unique_axis   ? 
_cell.length_a_esd       ? 
_cell.length_b_esd       ? 
_cell.length_c_esd       ? 
_cell.angle_alpha_esd    ? 
_cell.angle_beta_esd     ? 
_cell.angle_gamma_esd    ? 
# 
_symmetry.entry_id                         3QK4 
_symmetry.space_group_name_H-M             'P 43' 
_symmetry.pdbx_full_space_group_name_H-M   ? 
_symmetry.cell_setting                     ? 
_symmetry.Int_Tables_number                78 
_symmetry.space_group_name_Hall            ? 
# 
_exptl.entry_id          3QK4 
_exptl.method            'X-RAY DIFFRACTION' 
_exptl.crystals_number   1 
# 
_exptl_crystal.id                    1 
_exptl_crystal.density_meas          ? 
_exptl_crystal.density_Matthews      2.15 
_exptl_crystal.density_percent_sol   42.79 
_exptl_crystal.description           ? 
_exptl_crystal.F_000                 ? 
_exptl_crystal.preparation           ? 
# 
_exptl_crystal_grow.crystal_id      1 
_exptl_crystal_grow.method          'VAPOR DIFFUSION, HANGING DROP' 
_exptl_crystal_grow.temp            300 
_exptl_crystal_grow.temp_details    ? 
_exptl_crystal_grow.pH              6.99 
_exptl_crystal_grow.pdbx_pH_range   ? 
_exptl_crystal_grow.pdbx_details    
;The drop consist of 1mM DNA, 50mM buffer, 10mM BaCl2, 1mM Spermine equilibriated against 50% MPD, pH 6.99, VAPOR DIFFUSION, HANGING DROP, temperature 300K
;
# 
_diffrn.id                     1 
_diffrn.ambient_temp           100 
_diffrn.ambient_temp_details   ? 
_diffrn.crystal_id             1 
# 
_diffrn_detector.diffrn_id              1 
_diffrn_detector.detector               'IMAGE PLATE' 
_diffrn_detector.type                   MARRESEARCH 
_diffrn_detector.pdbx_collection_date   2008-12-17 
_diffrn_detector.details                mirrors 
# 
_diffrn_radiation.diffrn_id                        1 
_diffrn_radiation.wavelength_id                    1 
_diffrn_radiation.pdbx_monochromatic_or_laue_m_l   M 
_diffrn_radiation.monochromator                    Mirrors 
_diffrn_radiation.pdbx_diffrn_protocol             'SINGLE WAVELENGTH' 
_diffrn_radiation.pdbx_scattering_type             x-ray 
# 
_diffrn_radiation_wavelength.id           1 
_diffrn_radiation_wavelength.wavelength   1.54179 
_diffrn_radiation_wavelength.wt           1.0 
# 
_diffrn_source.diffrn_id                   1 
_diffrn_source.source                      'ROTATING ANODE' 
_diffrn_source.type                        'BRUKER AXS MICROSTAR' 
_diffrn_source.pdbx_synchrotron_site       ? 
_diffrn_source.pdbx_synchrotron_beamline   ? 
_diffrn_source.pdbx_wavelength             ? 
_diffrn_source.pdbx_wavelength_list        1.54179 
# 
_reflns.entry_id                     3QK4 
_reflns.observed_criterion_sigma_I   1.0 
_reflns.observed_criterion_sigma_F   1.0 
_reflns.d_resolution_low             20.0 
_reflns.d_resolution_high            2.60 
_reflns.number_obs                   2171 
_reflns.number_all                   2256 
_reflns.percent_possible_obs         96.20 
_reflns.pdbx_Rmerge_I_obs            0.0770 
_reflns.pdbx_Rsym_value              0.0714 
_reflns.pdbx_netI_over_sigmaI        4.50 
_reflns.B_iso_Wilson_estimate        57.76 
_reflns.pdbx_redundancy              3.67 
_reflns.R_free_details               ? 
_reflns.pdbx_chi_squared             ? 
_reflns.pdbx_scaling_rejects         ? 
_reflns.pdbx_ordinal                 1 
_reflns.pdbx_diffrn_id               1 
# 
_reflns_shell.d_res_high             2.60 
_reflns_shell.d_res_low              2.69 
_reflns_shell.percent_possible_all   95.4 
_reflns_shell.Rmerge_I_obs           0.4184 
_reflns_shell.pdbx_Rsym_value        0.3936 
_reflns_shell.meanI_over_sigI_obs    1.2 
_reflns_shell.pdbx_redundancy        3.71 
_reflns_shell.percent_possible_obs   ? 
_reflns_shell.number_unique_all      ? 
_reflns_shell.number_measured_all    ? 
_reflns_shell.number_measured_obs    ? 
_reflns_shell.number_unique_obs      ? 
_reflns_shell.pdbx_chi_squared       ? 
_reflns_shell.pdbx_ordinal           1 
_reflns_shell.pdbx_diffrn_id         1 
# 
_refine.pdbx_refine_id                           'X-RAY DIFFRACTION' 
_refine.entry_id                                 3QK4 
_refine.ls_number_reflns_obs                     2042 
_refine.ls_number_reflns_all                     2168 
_refine.pdbx_ls_sigma_I                          ? 
_refine.pdbx_ls_sigma_F                          ? 
_refine.pdbx_data_cutoff_high_absF               ? 
_refine.pdbx_data_cutoff_low_absF                ? 
_refine.pdbx_data_cutoff_high_rms_absF           ? 
_refine.ls_d_res_low                             19.96 
_refine.ls_d_res_high                            2.60 
_refine.ls_percent_reflns_obs                    97.18 
_refine.ls_R_factor_obs                          0.24734 
_refine.ls_R_factor_all                          ? 
_refine.ls_R_factor_R_work                       0.24580 
_refine.ls_R_factor_R_free                       0.27440 
_refine.ls_R_factor_R_free_error                 ? 
_refine.ls_R_factor_R_free_error_details         ? 
_refine.ls_percent_reflns_R_free                 5.8 
_refine.ls_number_reflns_R_free                  126 
_refine.ls_number_parameters                     ? 
_refine.ls_number_restraints                     ? 
_refine.occupancy_min                            ? 
_refine.occupancy_max                            ? 
_refine.correlation_coeff_Fo_to_Fc               0.902 
_refine.correlation_coeff_Fo_to_Fc_free          0.866 
_refine.B_iso_mean                               43.531 
_refine.aniso_B[1][1]                            18.22 
_refine.aniso_B[2][2]                            18.22 
_refine.aniso_B[3][3]                            -36.44 
_refine.aniso_B[1][2]                            0.00 
_refine.aniso_B[1][3]                            0.00 
_refine.aniso_B[2][3]                            0.00 
_refine.solvent_model_details                    'BABINET MODEL WITH MASK' 
_refine.solvent_model_param_ksol                 ? 
_refine.solvent_model_param_bsol                 ? 
_refine.pdbx_solvent_vdw_probe_radii             1.40 
_refine.pdbx_solvent_ion_probe_radii             0.80 
_refine.pdbx_solvent_shrinkage_radii             0.80 
_refine.pdbx_ls_cross_valid_method               THROUGHOUT 
_refine.details                                  ? 
_refine.pdbx_starting_model                      'A-DNA fiber Model' 
_refine.pdbx_method_to_determine_struct          'MOLECULAR REPLACEMENT' 
_refine.pdbx_isotropic_thermal_model             Isotropic 
_refine.pdbx_stereochemistry_target_values       'MAXIMUM LIKELIHOOD' 
_refine.pdbx_stereochem_target_val_spec_case     ? 
_refine.pdbx_R_Free_selection_details            RANDOM 
_refine.pdbx_overall_ESU_R                       0.244 
_refine.pdbx_overall_ESU_R_Free                  0.085 
_refine.overall_SU_ML                            0.297 
_refine.pdbx_overall_phase_error                 ? 
_refine.overall_SU_B                             14.130 
_refine.overall_SU_R_Cruickshank_DPI             ? 
_refine.pdbx_overall_SU_R_free_Cruickshank_DPI   ? 
_refine.pdbx_overall_SU_R_Blow_DPI               ? 
_refine.pdbx_overall_SU_R_free_Blow_DPI          ? 
_refine.ls_redundancy_reflns_obs                 ? 
_refine.overall_SU_R_free                        ? 
_refine.ls_wR_factor_R_free                      ? 
_refine.ls_wR_factor_R_work                      ? 
_refine.overall_FOM_free_R_set                   ? 
_refine.overall_FOM_work_R_set                   ? 
_refine.pdbx_diffrn_id                           1 
_refine.pdbx_TLS_residual_ADP_flag               ? 
# 
_refine_hist.pdbx_refine_id                   'X-RAY DIFFRACTION' 
_refine_hist.cycle_id                         LAST 
_refine_hist.pdbx_number_atoms_protein        0 
_refine_hist.pdbx_number_atoms_nucleic_acid   568 
_refine_hist.pdbx_number_atoms_ligand         0 
_refine_hist.number_atoms_solvent             46 
_refine_hist.number_atoms_total               614 
_refine_hist.d_res_high                       2.60 
_refine_hist.d_res_low                        19.96 
# 
loop_
_refine_ls_restr.type 
_refine_ls_restr.dev_ideal 
_refine_ls_restr.dev_ideal_target 
_refine_ls_restr.weight 
_refine_ls_restr.number 
_refine_ls_restr.pdbx_refine_id 
_refine_ls_restr.pdbx_restraint_function 
r_bond_refined_d             0.023 0.021 ? 636 'X-RAY DIFFRACTION' ? 
r_bond_other_d               ?     ?     ? ?   'X-RAY DIFFRACTION' ? 
r_angle_refined_deg          3.975 3.000 ? 978 'X-RAY DIFFRACTION' ? 
r_angle_other_deg            ?     ?     ? ?   'X-RAY DIFFRACTION' ? 
r_dihedral_angle_1_deg       ?     ?     ? ?   'X-RAY DIFFRACTION' ? 
r_dihedral_angle_2_deg       ?     ?     ? ?   'X-RAY DIFFRACTION' ? 
r_dihedral_angle_3_deg       ?     ?     ? ?   'X-RAY DIFFRACTION' ? 
r_dihedral_angle_4_deg       ?     ?     ? ?   'X-RAY DIFFRACTION' ? 
r_chiral_restr               0.152 0.200 ? 110 'X-RAY DIFFRACTION' ? 
r_gen_planes_refined         0.010 0.020 ? 294 'X-RAY DIFFRACTION' ? 
r_gen_planes_other           ?     ?     ? ?   'X-RAY DIFFRACTION' ? 
r_nbd_refined                ?     ?     ? ?   'X-RAY DIFFRACTION' ? 
r_nbd_other                  ?     ?     ? ?   'X-RAY DIFFRACTION' ? 
r_nbtor_refined              ?     ?     ? ?   'X-RAY DIFFRACTION' ? 
r_nbtor_other                ?     ?     ? ?   'X-RAY DIFFRACTION' ? 
r_xyhbond_nbd_refined        ?     ?     ? ?   'X-RAY DIFFRACTION' ? 
r_xyhbond_nbd_other          ?     ?     ? ?   'X-RAY DIFFRACTION' ? 
r_metal_ion_refined          ?     ?     ? ?   'X-RAY DIFFRACTION' ? 
r_metal_ion_other            ?     ?     ? ?   'X-RAY DIFFRACTION' ? 
r_symmetry_vdw_refined       ?     ?     ? ?   'X-RAY DIFFRACTION' ? 
r_symmetry_vdw_other         ?     ?     ? ?   'X-RAY DIFFRACTION' ? 
r_symmetry_hbond_refined     ?     ?     ? ?   'X-RAY DIFFRACTION' ? 
r_symmetry_hbond_other       ?     ?     ? ?   'X-RAY DIFFRACTION' ? 
r_symmetry_metal_ion_refined ?     ?     ? ?   'X-RAY DIFFRACTION' ? 
r_symmetry_metal_ion_other   ?     ?     ? ?   'X-RAY DIFFRACTION' ? 
r_mcbond_it                  ?     ?     ? ?   'X-RAY DIFFRACTION' ? 
r_mcbond_other               ?     ?     ? ?   'X-RAY DIFFRACTION' ? 
r_mcangle_it                 ?     ?     ? ?   'X-RAY DIFFRACTION' ? 
r_scbond_it                  ?     ?     ? ?   'X-RAY DIFFRACTION' ? 
r_scangle_it                 ?     ?     ? ?   'X-RAY DIFFRACTION' ? 
r_rigid_bond_restr           ?     ?     ? ?   'X-RAY DIFFRACTION' ? 
r_sphericity_free            ?     ?     ? ?   'X-RAY DIFFRACTION' ? 
r_sphericity_bonded          ?     ?     ? ?   'X-RAY DIFFRACTION' ? 
# 
_refine_ls_shell.pdbx_refine_id                   'X-RAY DIFFRACTION' 
_refine_ls_shell.pdbx_total_number_of_bins_used   20 
_refine_ls_shell.d_res_high                       2.602 
_refine_ls_shell.d_res_low                        2.669 
_refine_ls_shell.number_reflns_R_work             141 
_refine_ls_shell.R_factor_R_work                  0.443 
_refine_ls_shell.percent_reflns_obs               94.74 
_refine_ls_shell.R_factor_R_free                  0.394 
_refine_ls_shell.R_factor_R_free_error            ? 
_refine_ls_shell.percent_reflns_R_free            ? 
_refine_ls_shell.number_reflns_R_free             3 
_refine_ls_shell.number_reflns_all                ? 
_refine_ls_shell.R_factor_all                     ? 
_refine_ls_shell.redundancy_reflns_obs            ? 
_refine_ls_shell.number_reflns_obs                ? 
# 
_struct.entry_id                  3QK4 
_struct.title                     'Crystal structure of d(CGCGGGTACCCGCG)2 as A-DNA duplex' 
_struct.pdbx_model_details        ? 
_struct.pdbx_CASP_flag            ? 
_struct.pdbx_model_type_details   ? 
# 
_struct_keywords.entry_id        3QK4 
_struct_keywords.pdbx_keywords   DNA 
_struct_keywords.text            'A-DNA duplex, DNA' 
# 
loop_
_struct_asym.id 
_struct_asym.pdbx_blank_PDB_chainid_flag 
_struct_asym.pdbx_modified 
_struct_asym.entity_id 
_struct_asym.details 
A N N 1 ? 
B N N 1 ? 
C N N 2 ? 
D N N 2 ? 
# 
_struct_ref.id                         1 
_struct_ref.db_name                    PDB 
_struct_ref.db_code                    3QK4 
_struct_ref.pdbx_db_accession          3QK4 
_struct_ref.entity_id                  1 
_struct_ref.pdbx_align_begin           ? 
_struct_ref.pdbx_seq_one_letter_code   ? 
_struct_ref.pdbx_db_isoform            ? 
# 
loop_
_struct_ref_seq.align_id 
_struct_ref_seq.ref_id 
_struct_ref_seq.pdbx_PDB_id_code 
_struct_ref_seq.pdbx_strand_id 
_struct_ref_seq.seq_align_beg 
_struct_ref_seq.pdbx_seq_align_beg_ins_code 
_struct_ref_seq.seq_align_end 
_struct_ref_seq.pdbx_seq_align_end_ins_code 
_struct_ref_seq.pdbx_db_accession 
_struct_ref_seq.db_align_beg 
_struct_ref_seq.pdbx_db_align_beg_ins_code 
_struct_ref_seq.db_align_end 
_struct_ref_seq.pdbx_db_align_end_ins_code 
_struct_ref_seq.pdbx_auth_seq_align_beg 
_struct_ref_seq.pdbx_auth_seq_align_end 
1 1 3QK4 A 1 ? 14 ? 3QK4 1 ? 14 ? 1 14 
2 1 3QK4 B 1 ? 14 ? 3QK4 1 ? 14 ? 1 14 
# 
_pdbx_struct_assembly.id                   1 
_pdbx_struct_assembly.details              author_and_software_defined_assembly 
_pdbx_struct_assembly.method_details       PISA 
_pdbx_struct_assembly.oligomeric_details   dimeric 
_pdbx_struct_assembly.oligomeric_count     2 
# 
loop_
_pdbx_struct_assembly_prop.biol_id 
_pdbx_struct_assembly_prop.type 
_pdbx_struct_assembly_prop.value 
_pdbx_struct_assembly_prop.details 
1 'ABSA (A^2)' 1450 ? 
1 MORE         -1   ? 
1 'SSA (A^2)'  5230 ? 
# 
_pdbx_struct_assembly_gen.assembly_id       1 
_pdbx_struct_assembly_gen.oper_expression   1 
_pdbx_struct_assembly_gen.asym_id_list      A,B,C,D 
# 
_pdbx_struct_oper_list.id                   1 
_pdbx_struct_oper_list.type                 'identity operation' 
_pdbx_struct_oper_list.name                 1_555 
_pdbx_struct_oper_list.symmetry_operation   x,y,z 
_pdbx_struct_oper_list.matrix[1][1]         1.0000000000 
_pdbx_struct_oper_list.matrix[1][2]         0.0000000000 
_pdbx_struct_oper_list.matrix[1][3]         0.0000000000 
_pdbx_struct_oper_list.vector[1]            0.0000000000 
_pdbx_struct_oper_list.matrix[2][1]         0.0000000000 
_pdbx_struct_oper_list.matrix[2][2]         1.0000000000 
_pdbx_struct_oper_list.matrix[2][3]         0.0000000000 
_pdbx_struct_oper_list.vector[2]            0.0000000000 
_pdbx_struct_oper_list.matrix[3][1]         0.0000000000 
_pdbx_struct_oper_list.matrix[3][2]         0.0000000000 
_pdbx_struct_oper_list.matrix[3][3]         1.0000000000 
_pdbx_struct_oper_list.vector[3]            0.0000000000 
# 
_struct_biol.id        1 
_struct_biol.details   ? 
# 
loop_
_struct_conn.id 
_struct_conn.conn_type_id 
_struct_conn.pdbx_leaving_atom_flag 
_struct_conn.pdbx_PDB_id 
_struct_conn.ptnr1_label_asym_id 
_struct_conn.ptnr1_label_comp_id 
_struct_conn.ptnr1_label_seq_id 
_struct_conn.ptnr1_label_atom_id 
_struct_conn.pdbx_ptnr1_label_alt_id 
_struct_conn.pdbx_ptnr1_PDB_ins_code 
_struct_conn.pdbx_ptnr1_standard_comp_id 
_struct_conn.ptnr1_symmetry 
_struct_conn.ptnr2_label_asym_id 
_struct_conn.ptnr2_label_comp_id 
_struct_conn.ptnr2_label_seq_id 
_struct_conn.ptnr2_label_atom_id 
_struct_conn.pdbx_ptnr2_label_alt_id 
_struct_conn.pdbx_ptnr2_PDB_ins_code 
_struct_conn.ptnr1_auth_asym_id 
_struct_conn.ptnr1_auth_comp_id 
_struct_conn.ptnr1_auth_seq_id 
_struct_conn.ptnr2_auth_asym_id 
_struct_conn.ptnr2_auth_comp_id 
_struct_conn.ptnr2_auth_seq_id 
_struct_conn.ptnr2_symmetry 
_struct_conn.pdbx_ptnr3_label_atom_id 
_struct_conn.pdbx_ptnr3_label_seq_id 
_struct_conn.pdbx_ptnr3_label_comp_id 
_struct_conn.pdbx_ptnr3_label_asym_id 
_struct_conn.pdbx_ptnr3_label_alt_id 
_struct_conn.pdbx_ptnr3_PDB_ins_code 
_struct_conn.details 
_struct_conn.pdbx_dist_value 
_struct_conn.pdbx_value_order 
_struct_conn.pdbx_role 
hydrog1  hydrog ? ? A DC 1  N3 ? ? ? 1_555 B DG 14 N1 ? ? A DC 1  B DG 14 1_555 ? ? ? ? ? ? WATSON-CRICK    ? ? ? 
hydrog2  hydrog ? ? A DC 1  N4 ? ? ? 1_555 B DG 14 O6 ? ? A DC 1  B DG 14 1_555 ? ? ? ? ? ? WATSON-CRICK    ? ? ? 
hydrog3  hydrog ? ? A DC 1  O2 ? ? ? 1_555 B DG 14 N2 ? ? A DC 1  B DG 14 1_555 ? ? ? ? ? ? WATSON-CRICK    ? ? ? 
hydrog4  hydrog ? ? A DG 2  N1 ? ? ? 1_555 B DC 13 O2 ? ? A DG 2  B DC 13 1_555 ? ? ? ? ? ? 'DG-DC PAIR'    ? ? ? 
hydrog5  hydrog ? ? A DC 3  N3 ? ? ? 1_555 B DG 12 N1 ? ? A DC 3  B DG 12 1_555 ? ? ? ? ? ? WATSON-CRICK    ? ? ? 
hydrog6  hydrog ? ? A DC 3  N4 ? ? ? 1_555 B DG 12 O6 ? ? A DC 3  B DG 12 1_555 ? ? ? ? ? ? WATSON-CRICK    ? ? ? 
hydrog7  hydrog ? ? A DC 3  O2 ? ? ? 1_555 B DG 12 N2 ? ? A DC 3  B DG 12 1_555 ? ? ? ? ? ? WATSON-CRICK    ? ? ? 
hydrog8  hydrog ? ? A DG 4  N1 ? ? ? 1_555 B DC 11 N3 ? ? A DG 4  B DC 11 1_555 ? ? ? ? ? ? 'DG-DC PAIR'    ? ? ? 
hydrog9  hydrog ? ? A DG 4  N1 ? ? ? 1_555 B DG 12 O6 ? ? A DG 4  B DG 12 1_555 ? ? ? ? ? ? 'DG-DG MISPAIR' ? ? ? 
hydrog10 hydrog ? ? A DG 5  N1 ? ? ? 1_555 B DC 10 N3 ? ? A DG 5  B DC 10 1_555 ? ? ? ? ? ? WATSON-CRICK    ? ? ? 
hydrog11 hydrog ? ? A DG 5  N2 ? ? ? 1_555 B DC 10 O2 ? ? A DG 5  B DC 10 1_555 ? ? ? ? ? ? WATSON-CRICK    ? ? ? 
hydrog12 hydrog ? ? A DG 5  O6 ? ? ? 1_555 B DC 10 N4 ? ? A DG 5  B DC 10 1_555 ? ? ? ? ? ? WATSON-CRICK    ? ? ? 
hydrog13 hydrog ? ? A DG 6  O6 ? ? ? 1_555 B DC 9  N4 ? ? A DG 6  B DC 9  1_555 ? ? ? ? ? ? 'DG-DC PAIR'    ? ? ? 
hydrog14 hydrog ? ? A DT 7  N3 ? ? ? 1_555 B DA 8  N1 ? ? A DT 7  B DA 8  1_555 ? ? ? ? ? ? WATSON-CRICK    ? ? ? 
hydrog15 hydrog ? ? A DT 7  O4 ? ? ? 1_555 B DA 8  N6 ? ? A DT 7  B DA 8  1_555 ? ? ? ? ? ? WATSON-CRICK    ? ? ? 
hydrog16 hydrog ? ? A DA 8  N1 ? ? ? 1_555 B DT 7  N3 ? ? A DA 8  B DT 7  1_555 ? ? ? ? ? ? WATSON-CRICK    ? ? ? 
hydrog17 hydrog ? ? A DA 8  N6 ? ? ? 1_555 B DT 7  O4 ? ? A DA 8  B DT 7  1_555 ? ? ? ? ? ? WATSON-CRICK    ? ? ? 
hydrog18 hydrog ? ? A DC 9  N4 ? ? ? 1_555 B DG 6  O6 ? ? A DC 9  B DG 6  1_555 ? ? ? ? ? ? 'DC-DG PAIR'    ? ? ? 
hydrog19 hydrog ? ? A DC 10 N4 ? ? ? 1_555 B DG 5  O6 ? ? A DC 10 B DG 5  1_555 ? ? ? ? ? ? 'DC-DG PAIR'    ? ? ? 
hydrog20 hydrog ? ? A DG 12 N1 ? ? ? 1_555 B DC 3  N3 ? ? A DG 12 B DC 3  1_555 ? ? ? ? ? ? WATSON-CRICK    ? ? ? 
hydrog21 hydrog ? ? A DG 12 N2 ? ? ? 1_555 B DC 3  O2 ? ? A DG 12 B DC 3  1_555 ? ? ? ? ? ? WATSON-CRICK    ? ? ? 
hydrog22 hydrog ? ? A DG 12 O6 ? ? ? 1_555 B DC 3  N4 ? ? A DG 12 B DC 3  1_555 ? ? ? ? ? ? WATSON-CRICK    ? ? ? 
hydrog23 hydrog ? ? A DC 13 N3 ? ? ? 1_555 B DG 2  N1 ? ? A DC 13 B DG 2  1_555 ? ? ? ? ? ? WATSON-CRICK    ? ? ? 
hydrog24 hydrog ? ? A DC 13 N4 ? ? ? 1_555 B DG 2  O6 ? ? A DC 13 B DG 2  1_555 ? ? ? ? ? ? WATSON-CRICK    ? ? ? 
hydrog25 hydrog ? ? A DC 13 O2 ? ? ? 1_555 B DG 2  N2 ? ? A DC 13 B DG 2  1_555 ? ? ? ? ? ? WATSON-CRICK    ? ? ? 
hydrog26 hydrog ? ? A DG 14 N2 ? ? ? 1_555 B DC 1  O2 ? ? A DG 14 B DC 1  1_555 ? ? ? ? ? ? 'DG-DC PAIR'    ? ? ? 
hydrog27 hydrog ? ? B DT 7  N3 ? ? ? 1_555 B DA 8  N7 ? ? B DT 7  B DA 8  1_555 ? ? ? ? ? ? 'DT-DA PAIR'    ? ? ? 
# 
_struct_conn_type.id          hydrog 
_struct_conn_type.criteria    ? 
_struct_conn_type.reference   ? 
# 
loop_
_pdbx_validate_rmsd_bond.id 
_pdbx_validate_rmsd_bond.PDB_model_num 
_pdbx_validate_rmsd_bond.auth_atom_id_1 
_pdbx_validate_rmsd_bond.auth_asym_id_1 
_pdbx_validate_rmsd_bond.auth_comp_id_1 
_pdbx_validate_rmsd_bond.auth_seq_id_1 
_pdbx_validate_rmsd_bond.PDB_ins_code_1 
_pdbx_validate_rmsd_bond.label_alt_id_1 
_pdbx_validate_rmsd_bond.auth_atom_id_2 
_pdbx_validate_rmsd_bond.auth_asym_id_2 
_pdbx_validate_rmsd_bond.auth_comp_id_2 
_pdbx_validate_rmsd_bond.auth_seq_id_2 
_pdbx_validate_rmsd_bond.PDB_ins_code_2 
_pdbx_validate_rmsd_bond.label_alt_id_2 
_pdbx_validate_rmsd_bond.bond_value 
_pdbx_validate_rmsd_bond.bond_target_value 
_pdbx_validate_rmsd_bond.bond_deviation 
_pdbx_validate_rmsd_bond.bond_standard_deviation 
_pdbx_validate_rmsd_bond.linker_flag 
1  1 "C5'" A DC 1  ? ? "C4'" A DC 1  ? ? 1.566 1.512 0.054 0.007 N 
2  1 "O3'" A DC 1  ? ? "C3'" A DC 1  ? ? 1.581 1.435 0.146 0.013 N 
3  1 "C5'" A DG 2  ? ? "C4'" A DG 2  ? ? 1.567 1.512 0.055 0.007 N 
4  1 "C5'" A DG 6  ? ? "C4'" A DG 6  ? ? 1.559 1.512 0.047 0.007 N 
5  1 N3    A DG 6  ? ? C4    A DG 6  ? ? 1.392 1.350 0.042 0.007 N 
6  1 N9    A DG 6  ? ? C4    A DG 6  ? ? 1.434 1.375 0.059 0.008 N 
7  1 N9    A DA 8  ? ? C4    A DA 8  ? ? 1.415 1.374 0.041 0.006 N 
8  1 N1    A DC 11 ? ? C6    A DC 11 ? ? 1.406 1.367 0.039 0.006 N 
9  1 N3    A DC 11 ? ? C4    A DC 11 ? ? 1.380 1.335 0.045 0.007 N 
10 1 N9    A DG 12 ? ? C4    A DG 12 ? ? 1.445 1.375 0.070 0.008 N 
11 1 "C5'" B DC 3  ? ? "C4'" B DC 3  ? ? 1.565 1.512 0.053 0.007 N 
12 1 "C5'" B DG 5  ? ? "C4'" B DG 5  ? ? 1.563 1.512 0.051 0.007 N 
13 1 "O3'" B DG 6  ? ? "C3'" B DG 6  ? ? 1.517 1.435 0.082 0.013 N 
14 1 "C1'" B DC 13 ? ? N1    B DC 13 ? ? 1.566 1.488 0.078 0.013 N 
# 
loop_
_pdbx_validate_rmsd_angle.id 
_pdbx_validate_rmsd_angle.PDB_model_num 
_pdbx_validate_rmsd_angle.auth_atom_id_1 
_pdbx_validate_rmsd_angle.auth_asym_id_1 
_pdbx_validate_rmsd_angle.auth_comp_id_1 
_pdbx_validate_rmsd_angle.auth_seq_id_1 
_pdbx_validate_rmsd_angle.PDB_ins_code_1 
_pdbx_validate_rmsd_angle.label_alt_id_1 
_pdbx_validate_rmsd_angle.auth_atom_id_2 
_pdbx_validate_rmsd_angle.auth_asym_id_2 
_pdbx_validate_rmsd_angle.auth_comp_id_2 
_pdbx_validate_rmsd_angle.auth_seq_id_2 
_pdbx_validate_rmsd_angle.PDB_ins_code_2 
_pdbx_validate_rmsd_angle.label_alt_id_2 
_pdbx_validate_rmsd_angle.auth_atom_id_3 
_pdbx_validate_rmsd_angle.auth_asym_id_3 
_pdbx_validate_rmsd_angle.auth_comp_id_3 
_pdbx_validate_rmsd_angle.auth_seq_id_3 
_pdbx_validate_rmsd_angle.PDB_ins_code_3 
_pdbx_validate_rmsd_angle.label_alt_id_3 
_pdbx_validate_rmsd_angle.angle_value 
_pdbx_validate_rmsd_angle.angle_target_value 
_pdbx_validate_rmsd_angle.angle_deviation 
_pdbx_validate_rmsd_angle.angle_standard_deviation 
_pdbx_validate_rmsd_angle.linker_flag 
1   1 "O4'" A DC 1  ? ? "C1'" A DC 1  ? ? "C2'" A DC 1  ? ? 100.26 105.90 -5.64  0.80 N 
2   1 "O4'" A DC 1  ? ? "C1'" A DC 1  ? ? N1    A DC 1  ? ? 112.42 108.30 4.12   0.30 N 
3   1 "C3'" A DC 1  ? ? "O3'" A DC 1  ? ? P     A DG 2  ? ? 136.55 119.70 16.85  1.20 Y 
4   1 "O4'" A DG 2  ? ? "C4'" A DG 2  ? ? "C3'" A DG 2  ? ? 98.49  104.50 -6.01  0.40 N 
5   1 "C5'" A DG 2  ? ? "C4'" A DG 2  ? ? "C3'" A DG 2  ? ? 123.33 115.70 7.63   1.20 N 
6   1 "C5'" A DG 2  ? ? "C4'" A DG 2  ? ? "O4'" A DG 2  ? ? 117.40 109.80 7.60   1.10 N 
7   1 "C4'" A DG 2  ? ? "C3'" A DG 2  ? ? "C2'" A DG 2  ? ? 95.76  102.20 -6.44  0.70 N 
8   1 N3    A DG 2  ? ? C4    A DG 2  ? ? C5    A DG 2  ? ? 125.48 128.60 -3.12  0.50 N 
9   1 N3    A DG 2  ? ? C4    A DG 2  ? ? N9    A DG 2  ? ? 130.52 126.00 4.52   0.60 N 
10  1 "O4'" A DC 3  ? ? "C4'" A DC 3  ? ? "C3'" A DC 3  ? ? 101.32 104.50 -3.18  0.40 N 
11  1 "C4'" A DC 3  ? ? "C3'" A DC 3  ? ? "C2'" A DC 3  ? ? 94.63  102.20 -7.57  0.70 N 
12  1 "O4'" A DC 3  ? ? "C1'" A DC 3  ? ? N1    A DC 3  ? ? 113.49 108.30 5.19   0.30 N 
13  1 N7    A DG 4  ? ? C8    A DG 4  ? ? N9    A DG 4  ? ? 116.43 113.10 3.33   0.50 N 
14  1 C8    A DG 4  ? ? N9    A DG 4  ? ? C4    A DG 4  ? ? 103.72 106.40 -2.68  0.40 N 
15  1 "C3'" A DG 4  ? ? "O3'" A DG 4  ? ? P     A DG 5  ? ? 128.48 119.70 8.78   1.20 Y 
16  1 "O4'" A DG 5  ? ? "C1'" A DG 5  ? ? "C2'" A DG 5  ? ? 111.25 106.80 4.45   0.50 N 
17  1 "O4'" A DG 5  ? ? "C1'" A DG 5  ? ? N9    A DG 5  ? ? 117.12 108.30 8.82   0.30 N 
18  1 N9    A DG 5  ? ? C4    A DG 5  ? ? C5    A DG 5  ? ? 108.96 105.40 3.56   0.40 N 
19  1 N3    A DG 5  ? ? C4    A DG 5  ? ? N9    A DG 5  ? ? 119.99 126.00 -6.01  0.60 N 
20  1 N1    A DG 5  ? ? C2    A DG 5  ? ? N2    A DG 5  ? ? 122.80 116.20 6.60   0.90 N 
21  1 N3    A DG 5  ? ? C2    A DG 5  ? ? N2    A DG 5  ? ? 113.60 119.90 -6.30  0.70 N 
22  1 C8    A DG 5  ? ? N9    A DG 5  ? ? "C1'" A DG 5  ? ? 134.99 127.00 7.99   1.30 N 
23  1 "O4'" A DG 6  ? ? "C4'" A DG 6  ? ? "C3'" A DG 6  ? ? 98.26  104.50 -6.24  0.40 N 
24  1 "C5'" A DG 6  ? ? "C4'" A DG 6  ? ? "O4'" A DG 6  ? ? 119.40 109.80 9.60   1.10 N 
25  1 "C4'" A DG 6  ? ? "C3'" A DG 6  ? ? "C2'" A DG 6  ? ? 95.21  102.20 -6.99  0.70 N 
26  1 "C3'" A DG 6  ? ? "C2'" A DG 6  ? ? "C1'" A DG 6  ? ? 97.55  102.40 -4.85  0.80 N 
27  1 "O4'" A DG 6  ? ? "C1'" A DG 6  ? ? "C2'" A DG 6  ? ? 99.41  105.90 -6.49  0.80 N 
28  1 "O4'" A DG 6  ? ? "C1'" A DG 6  ? ? N9    A DG 6  ? ? 112.88 108.30 4.58   0.30 N 
29  1 N3    A DG 6  ? ? C4    A DG 6  ? ? C5    A DG 6  ? ? 122.51 128.60 -6.09  0.50 N 
30  1 C4    A DG 6  ? ? C5    A DG 6  ? ? C6    A DG 6  ? ? 124.30 118.80 5.50   0.60 N 
31  1 N7    A DG 6  ? ? C8    A DG 6  ? ? N9    A DG 6  ? ? 116.90 113.10 3.80   0.50 N 
32  1 C8    A DG 6  ? ? N9    A DG 6  ? ? C4    A DG 6  ? ? 103.96 106.40 -2.44  0.40 N 
33  1 N3    A DG 6  ? ? C4    A DG 6  ? ? N9    A DG 6  ? ? 134.33 126.00 8.33   0.60 N 
34  1 C6    A DG 6  ? ? C5    A DG 6  ? ? N7    A DG 6  ? ? 122.90 130.40 -7.50  0.60 N 
35  1 C8    A DG 6  ? ? N9    A DG 6  ? ? "C1'" A DG 6  ? ? 115.23 127.00 -11.77 1.30 N 
36  1 C4    A DG 6  ? ? N9    A DG 6  ? ? "C1'" A DG 6  ? ? 140.81 126.50 14.31  1.30 N 
37  1 "O4'" A DT 7  ? ? "C4'" A DT 7  ? ? "C3'" A DT 7  ? ? 96.04  104.50 -8.46  0.40 N 
38  1 "C3'" A DT 7  ? ? "C2'" A DT 7  ? ? "C1'" A DT 7  ? ? 92.98  102.40 -9.42  0.80 N 
39  1 "O4'" A DT 7  ? ? "C1'" A DT 7  ? ? "C2'" A DT 7  ? ? 100.62 105.90 -5.28  0.80 N 
40  1 N3    A DT 7  ? ? C4    A DT 7  ? ? O4    A DT 7  ? ? 126.09 119.90 6.19   0.60 N 
41  1 C5    A DT 7  ? ? C4    A DT 7  ? ? O4    A DT 7  ? ? 120.27 124.90 -4.63  0.70 N 
42  1 "C4'" A DA 8  ? ? "C3'" A DA 8  ? ? "C2'" A DA 8  ? ? 93.69  102.20 -8.51  0.70 N 
43  1 "O4'" A DA 8  ? ? "C1'" A DA 8  ? ? "C2'" A DA 8  ? ? 99.09  105.90 -6.81  0.80 N 
44  1 "O4'" A DA 8  ? ? "C1'" A DA 8  ? ? N9    A DA 8  ? ? 119.92 108.30 11.62  0.30 N 
45  1 C2    A DA 8  ? ? N3    A DA 8  ? ? C4    A DA 8  ? ? 114.72 110.60 4.12   0.50 N 
46  1 C8    A DA 8  ? ? N9    A DA 8  ? ? "C1'" A DA 8  ? ? 116.43 127.70 -11.27 1.80 N 
47  1 C4    A DA 8  ? ? N9    A DA 8  ? ? "C1'" A DA 8  ? ? 139.24 126.30 12.94  1.80 N 
48  1 C5    A DC 9  ? ? C6    A DC 9  ? ? N1    A DC 9  ? ? 124.70 121.00 3.70   0.50 N 
49  1 C5    A DC 9  ? ? C4    A DC 9  ? ? N4    A DC 9  ? ? 115.44 120.20 -4.76  0.70 N 
50  1 C2    A DC 9  ? ? N1    A DC 9  ? ? "C1'" A DC 9  ? ? 125.48 118.80 6.68   1.10 N 
51  1 "C3'" A DC 9  ? ? "O3'" A DC 9  ? ? P     A DC 10 ? ? 107.56 119.70 -12.14 1.20 Y 
52  1 "O4'" A DC 10 ? ? "C4'" A DC 10 ? ? "C3'" A DC 10 ? ? 100.71 104.50 -3.79  0.40 N 
53  1 "C3'" A DC 10 ? ? "C2'" A DC 10 ? ? "C1'" A DC 10 ? ? 96.14  102.40 -6.26  0.80 N 
54  1 "O4'" A DC 10 ? ? "C1'" A DC 10 ? ? "C2'" A DC 10 ? ? 100.62 105.90 -5.28  0.80 N 
55  1 "O4'" A DC 10 ? ? "C1'" A DC 10 ? ? N1    A DC 10 ? ? 113.99 108.30 5.69   0.30 N 
56  1 "C3'" A DC 10 ? ? "O3'" A DC 10 ? ? P     A DC 11 ? ? 107.00 119.70 -12.70 1.20 Y 
57  1 "O5'" A DC 11 ? ? P     A DC 11 ? ? OP2   A DC 11 ? ? 99.11  105.70 -6.59  0.90 N 
58  1 "O5'" A DC 11 ? ? "C5'" A DC 11 ? ? "C4'" A DC 11 ? ? 102.63 109.40 -6.77  0.80 N 
59  1 "O4'" A DC 11 ? ? "C4'" A DC 11 ? ? "C3'" A DC 11 ? ? 92.11  104.50 -12.39 0.40 N 
60  1 "C4'" A DC 11 ? ? "C3'" A DC 11 ? ? "C2'" A DC 11 ? ? 89.86  102.20 -12.34 0.70 N 
61  1 "C3'" A DC 11 ? ? "C2'" A DC 11 ? ? "C1'" A DC 11 ? ? 96.08  102.40 -6.32  0.80 N 
62  1 "O4'" A DC 11 ? ? "C1'" A DC 11 ? ? "C2'" A DC 11 ? ? 100.88 105.90 -5.02  0.80 N 
63  1 N1    A DC 11 ? ? C2    A DC 11 ? ? N3    A DC 11 ? ? 114.27 119.20 -4.93  0.70 N 
64  1 C2    A DC 11 ? ? N3    A DC 11 ? ? C4    A DC 11 ? ? 124.88 119.90 4.98   0.50 N 
65  1 C4    A DC 11 ? ? C5    A DC 11 ? ? C6    A DC 11 ? ? 111.80 117.40 -5.60  0.50 N 
66  1 C5    A DC 11 ? ? C6    A DC 11 ? ? N1    A DC 11 ? ? 127.56 121.00 6.56   0.50 N 
67  1 N3    A DC 11 ? ? C4    A DC 11 ? ? N4    A DC 11 ? ? 124.81 118.00 6.81   0.70 N 
68  1 C5    A DC 11 ? ? C4    A DC 11 ? ? N4    A DC 11 ? ? 112.64 120.20 -7.56  0.70 N 
69  1 "C3'" A DC 11 ? ? "O3'" A DC 11 ? ? P     A DG 12 ? ? 127.85 119.70 8.15   1.20 Y 
70  1 "O3'" A DC 11 ? ? P     A DG 12 ? ? "O5'" A DG 12 ? ? 91.92  104.00 -12.08 1.90 Y 
71  1 "O4'" A DG 12 ? ? "C4'" A DG 12 ? ? "C3'" A DG 12 ? ? 102.02 104.50 -2.48  0.40 N 
72  1 "O4'" A DG 12 ? ? "C1'" A DG 12 ? ? N9    A DG 12 ? ? 110.64 108.30 2.34   0.30 N 
73  1 C6    A DG 12 ? ? N1    A DG 12 ? ? C2    A DG 12 ? ? 120.58 125.10 -4.52  0.60 N 
74  1 C2    A DG 12 ? ? N3    A DG 12 ? ? C4    A DG 12 ? ? 116.42 111.90 4.52   0.50 N 
75  1 N3    A DG 12 ? ? C4    A DG 12 ? ? C5    A DG 12 ? ? 120.67 128.60 -7.93  0.50 N 
76  1 C5    A DG 12 ? ? C6    A DG 12 ? ? N1    A DG 12 ? ? 115.82 111.50 4.32   0.50 N 
77  1 C4    A DG 12 ? ? C5    A DG 12 ? ? N7    A DG 12 ? ? 108.08 110.80 -2.72  0.40 N 
78  1 N7    A DG 12 ? ? C8    A DG 12 ? ? N9    A DG 12 ? ? 116.49 113.10 3.39   0.50 N 
79  1 C8    A DG 12 ? ? N9    A DG 12 ? ? C4    A DG 12 ? ? 101.77 106.40 -4.63  0.40 N 
80  1 N9    A DG 12 ? ? C4    A DG 12 ? ? C5    A DG 12 ? ? 107.97 105.40 2.57   0.40 N 
81  1 N3    A DG 12 ? ? C4    A DG 12 ? ? N9    A DG 12 ? ? 131.36 126.00 5.36   0.60 N 
82  1 N1    A DG 12 ? ? C6    A DG 12 ? ? O6    A DG 12 ? ? 113.29 119.90 -6.61  0.60 N 
83  1 C4    A DG 12 ? ? N9    A DG 12 ? ? "C1'" A DG 12 ? ? 136.70 126.50 10.20  1.30 N 
84  1 "O4'" A DC 13 ? ? "C1'" A DC 13 ? ? N1    A DC 13 ? ? 97.12  108.00 -10.88 0.70 N 
85  1 C4    A DC 13 ? ? C5    A DC 13 ? ? C6    A DC 13 ? ? 113.96 117.40 -3.44  0.50 N 
86  1 "O4'" A DG 14 ? ? "C1'" A DG 14 ? ? "C2'" A DG 14 ? ? 99.67  105.90 -6.23  0.80 N 
87  1 "O5'" B DC 1  ? ? "C5'" B DC 1  ? ? "C4'" B DC 1  ? ? 101.91 109.40 -7.49  0.80 N 
88  1 "C1'" B DC 1  ? ? "O4'" B DC 1  ? ? "C4'" B DC 1  ? ? 102.22 110.10 -7.88  1.00 N 
89  1 "O4'" B DC 1  ? ? "C1'" B DC 1  ? ? "C2'" B DC 1  ? ? 99.80  105.90 -6.10  0.80 N 
90  1 "O4'" B DC 1  ? ? "C1'" B DC 1  ? ? N1    B DC 1  ? ? 119.37 108.30 11.07  0.30 N 
91  1 C6    B DC 1  ? ? N1    B DC 1  ? ? C2    B DC 1  ? ? 117.67 120.30 -2.63  0.40 N 
92  1 C5    B DC 1  ? ? C4    B DC 1  ? ? N4    B DC 1  ? ? 125.03 120.20 4.83   0.70 N 
93  1 "C3'" B DC 1  ? ? "O3'" B DC 1  ? ? P     B DG 2  ? ? 129.74 119.70 10.04  1.20 Y 
94  1 "C5'" B DG 2  ? ? "C4'" B DG 2  ? ? "O4'" B DG 2  ? ? 116.74 109.80 6.94   1.10 N 
95  1 "O4'" B DG 2  ? ? "C1'" B DG 2  ? ? N9    B DG 2  ? ? 102.50 108.00 -5.50  0.70 N 
96  1 "O5'" B DC 3  ? ? P     B DC 3  ? ? OP2   B DC 3  ? ? 120.69 110.70 9.99   1.20 N 
97  1 "O4'" B DC 3  ? ? "C1'" B DC 3  ? ? "C2'" B DC 3  ? ? 110.02 106.80 3.22   0.50 N 
98  1 C5    B DC 3  ? ? C4    B DC 3  ? ? N4    B DC 3  ? ? 115.93 120.20 -4.27  0.70 N 
99  1 "C1'" B DG 4  ? ? "O4'" B DG 4  ? ? "C4'" B DG 4  ? ? 103.82 110.10 -6.28  1.00 N 
100 1 "C3'" B DG 4  ? ? "C2'" B DG 4  ? ? "C1'" B DG 4  ? ? 97.59  102.40 -4.81  0.80 N 
101 1 "O4'" B DG 4  ? ? "C1'" B DG 4  ? ? N9    B DG 4  ? ? 122.38 108.30 14.08  0.30 N 
102 1 "O4'" B DG 5  ? ? "C1'" B DG 5  ? ? N9    B DG 5  ? ? 112.49 108.30 4.19   0.30 N 
103 1 "C1'" B DG 6  ? ? "O4'" B DG 6  ? ? "C4'" B DG 6  ? ? 114.70 110.30 4.40   0.70 N 
104 1 "C3'" B DG 6  ? ? "C2'" B DG 6  ? ? "C1'" B DG 6  ? ? 112.27 102.50 9.77   1.20 N 
105 1 "O4'" B DG 6  ? ? "C1'" B DG 6  ? ? "C2'" B DG 6  ? ? 100.60 105.90 -5.30  0.80 N 
106 1 "O4'" B DG 6  ? ? "C1'" B DG 6  ? ? N9    B DG 6  ? ? 114.12 108.30 5.82   0.30 N 
107 1 C6    B DG 6  ? ? N1    B DG 6  ? ? C2    B DG 6  ? ? 120.55 125.10 -4.55  0.60 N 
108 1 C2    B DG 6  ? ? N3    B DG 6  ? ? C4    B DG 6  ? ? 115.12 111.90 3.22   0.50 N 
109 1 C5    B DG 6  ? ? C6    B DG 6  ? ? N1    B DG 6  ? ? 114.85 111.50 3.35   0.50 N 
110 1 N7    B DG 6  ? ? C8    B DG 6  ? ? N9    B DG 6  ? ? 116.37 113.10 3.27   0.50 N 
111 1 C8    B DG 6  ? ? N9    B DG 6  ? ? C4    B DG 6  ? ? 101.93 106.40 -4.47  0.40 N 
112 1 N9    B DG 6  ? ? C4    B DG 6  ? ? C5    B DG 6  ? ? 108.87 105.40 3.47   0.40 N 
113 1 N3    B DG 6  ? ? C2    B DG 6  ? ? N2    B DG 6  ? ? 114.52 119.90 -5.38  0.70 N 
114 1 N1    B DG 6  ? ? C6    B DG 6  ? ? O6    B DG 6  ? ? 116.04 119.90 -3.86  0.60 N 
115 1 "C3'" B DG 6  ? ? "O3'" B DG 6  ? ? P     B DT 7  ? ? 130.50 119.70 10.80  1.20 Y 
116 1 "O4'" B DT 7  ? ? "C4'" B DT 7  ? ? "C3'" B DT 7  ? ? 101.50 104.50 -3.00  0.40 N 
117 1 "C3'" B DT 7  ? ? "C2'" B DT 7  ? ? "C1'" B DT 7  ? ? 93.00  102.40 -9.40  0.80 N 
118 1 "O4'" B DT 7  ? ? "C1'" B DT 7  ? ? "C2'" B DT 7  ? ? 99.90  105.90 -6.00  0.80 N 
119 1 C6    B DT 7  ? ? N1    B DT 7  ? ? C2    B DT 7  ? ? 118.23 121.30 -3.07  0.50 N 
120 1 C5    B DT 7  ? ? C6    B DT 7  ? ? N1    B DT 7  ? ? 127.86 123.70 4.16   0.60 N 
121 1 N1    B DT 7  ? ? C2    B DT 7  ? ? O2    B DT 7  ? ? 128.10 123.10 5.00   0.80 N 
122 1 N3    B DT 7  ? ? C2    B DT 7  ? ? O2    B DT 7  ? ? 118.58 122.30 -3.72  0.60 N 
123 1 N3    B DT 7  ? ? C4    B DT 7  ? ? O4    B DT 7  ? ? 123.93 119.90 4.03   0.60 N 
124 1 C6    B DT 7  ? ? N1    B DT 7  ? ? "C1'" B DT 7  ? ? 135.58 120.40 15.18  1.50 N 
125 1 C2    B DT 7  ? ? N1    B DT 7  ? ? "C1'" B DT 7  ? ? 106.11 118.20 -12.09 1.60 N 
126 1 P     B DA 8  ? ? "O5'" B DA 8  ? ? "C5'" B DA 8  ? ? 109.89 120.90 -11.01 1.60 N 
127 1 C2    B DA 8  ? ? N3    B DA 8  ? ? C4    B DA 8  ? ? 114.02 110.60 3.42   0.50 N 
128 1 "C5'" B DC 9  ? ? "C4'" B DC 9  ? ? "C3'" B DC 9  ? ? 102.38 114.10 -11.72 1.80 N 
129 1 "O4'" B DC 9  ? ? "C1'" B DC 9  ? ? "C2'" B DC 9  ? ? 99.29  105.90 -6.61  0.80 N 
130 1 "O4'" B DC 9  ? ? "C1'" B DC 9  ? ? N1    B DC 9  ? ? 116.36 108.30 8.06   0.30 N 
131 1 C6    B DC 9  ? ? N1    B DC 9  ? ? C2    B DC 9  ? ? 117.16 120.30 -3.14  0.40 N 
132 1 C5    B DC 9  ? ? C6    B DC 9  ? ? N1    B DC 9  ? ? 124.74 121.00 3.74   0.50 N 
133 1 N3    B DC 9  ? ? C4    B DC 9  ? ? N4    B DC 9  ? ? 123.75 118.00 5.75   0.70 N 
134 1 C5    B DC 9  ? ? C4    B DC 9  ? ? N4    B DC 9  ? ? 114.55 120.20 -5.65  0.70 N 
135 1 "C3'" B DC 10 ? ? "O3'" B DC 10 ? ? P     B DC 11 ? ? 112.22 119.70 -7.48  1.20 Y 
136 1 "O3'" B DC 10 ? ? P     B DC 11 ? ? OP1   B DC 11 ? ? 117.14 110.50 6.64   1.10 Y 
137 1 "C3'" B DC 11 ? ? "O3'" B DC 11 ? ? P     B DG 12 ? ? 127.85 119.70 8.15   1.20 Y 
138 1 "O4'" B DG 12 ? ? "C4'" B DG 12 ? ? "C3'" B DG 12 ? ? 102.09 104.50 -2.41  0.40 N 
139 1 "C5'" B DG 12 ? ? "C4'" B DG 12 ? ? "C3'" B DG 12 ? ? 124.20 115.70 8.50   1.20 N 
140 1 "O4'" B DG 12 ? ? "C1'" B DG 12 ? ? N9    B DG 12 ? ? 110.38 108.30 2.08   0.30 N 
141 1 "O4'" B DC 13 ? ? "C1'" B DC 13 ? ? N1    B DC 13 ? ? 117.39 108.30 9.09   0.30 N 
142 1 C6    B DC 13 ? ? N1    B DC 13 ? ? C2    B DC 13 ? ? 117.61 120.30 -2.69  0.40 N 
143 1 "C3'" B DC 13 ? ? "O3'" B DC 13 ? ? P     B DG 14 ? ? 127.88 119.70 8.18   1.20 Y 
144 1 "O4'" B DG 14 ? ? "C1'" B DG 14 ? ? N9    B DG 14 ? ? 111.35 108.30 3.05   0.30 N 
# 
loop_
_chem_comp_atom.comp_id 
_chem_comp_atom.atom_id 
_chem_comp_atom.type_symbol 
_chem_comp_atom.pdbx_aromatic_flag 
_chem_comp_atom.pdbx_stereo_config 
_chem_comp_atom.pdbx_ordinal 
DA  OP3    O N N 1   
DA  P      P N N 2   
DA  OP1    O N N 3   
DA  OP2    O N N 4   
DA  "O5'"  O N N 5   
DA  "C5'"  C N N 6   
DA  "C4'"  C N R 7   
DA  "O4'"  O N N 8   
DA  "C3'"  C N S 9   
DA  "O3'"  O N N 10  
DA  "C2'"  C N N 11  
DA  "C1'"  C N R 12  
DA  N9     N Y N 13  
DA  C8     C Y N 14  
DA  N7     N Y N 15  
DA  C5     C Y N 16  
DA  C6     C Y N 17  
DA  N6     N N N 18  
DA  N1     N Y N 19  
DA  C2     C Y N 20  
DA  N3     N Y N 21  
DA  C4     C Y N 22  
DA  HOP3   H N N 23  
DA  HOP2   H N N 24  
DA  "H5'"  H N N 25  
DA  "H5''" H N N 26  
DA  "H4'"  H N N 27  
DA  "H3'"  H N N 28  
DA  "HO3'" H N N 29  
DA  "H2'"  H N N 30  
DA  "H2''" H N N 31  
DA  "H1'"  H N N 32  
DA  H8     H N N 33  
DA  H61    H N N 34  
DA  H62    H N N 35  
DA  H2     H N N 36  
DC  OP3    O N N 37  
DC  P      P N N 38  
DC  OP1    O N N 39  
DC  OP2    O N N 40  
DC  "O5'"  O N N 41  
DC  "C5'"  C N N 42  
DC  "C4'"  C N R 43  
DC  "O4'"  O N N 44  
DC  "C3'"  C N S 45  
DC  "O3'"  O N N 46  
DC  "C2'"  C N N 47  
DC  "C1'"  C N R 48  
DC  N1     N N N 49  
DC  C2     C N N 50  
DC  O2     O N N 51  
DC  N3     N N N 52  
DC  C4     C N N 53  
DC  N4     N N N 54  
DC  C5     C N N 55  
DC  C6     C N N 56  
DC  HOP3   H N N 57  
DC  HOP2   H N N 58  
DC  "H5'"  H N N 59  
DC  "H5''" H N N 60  
DC  "H4'"  H N N 61  
DC  "H3'"  H N N 62  
DC  "HO3'" H N N 63  
DC  "H2'"  H N N 64  
DC  "H2''" H N N 65  
DC  "H1'"  H N N 66  
DC  H41    H N N 67  
DC  H42    H N N 68  
DC  H5     H N N 69  
DC  H6     H N N 70  
DG  OP3    O N N 71  
DG  P      P N N 72  
DG  OP1    O N N 73  
DG  OP2    O N N 74  
DG  "O5'"  O N N 75  
DG  "C5'"  C N N 76  
DG  "C4'"  C N R 77  
DG  "O4'"  O N N 78  
DG  "C3'"  C N S 79  
DG  "O3'"  O N N 80  
DG  "C2'"  C N N 81  
DG  "C1'"  C N R 82  
DG  N9     N Y N 83  
DG  C8     C Y N 84  
DG  N7     N Y N 85  
DG  C5     C Y N 86  
DG  C6     C N N 87  
DG  O6     O N N 88  
DG  N1     N N N 89  
DG  C2     C N N 90  
DG  N2     N N N 91  
DG  N3     N N N 92  
DG  C4     C Y N 93  
DG  HOP3   H N N 94  
DG  HOP2   H N N 95  
DG  "H5'"  H N N 96  
DG  "H5''" H N N 97  
DG  "H4'"  H N N 98  
DG  "H3'"  H N N 99  
DG  "HO3'" H N N 100 
DG  "H2'"  H N N 101 
DG  "H2''" H N N 102 
DG  "H1'"  H N N 103 
DG  H8     H N N 104 
DG  H1     H N N 105 
DG  H21    H N N 106 
DG  H22    H N N 107 
DT  OP3    O N N 108 
DT  P      P N N 109 
DT  OP1    O N N 110 
DT  OP2    O N N 111 
DT  "O5'"  O N N 112 
DT  "C5'"  C N N 113 
DT  "C4'"  C N R 114 
DT  "O4'"  O N N 115 
DT  "C3'"  C N S 116 
DT  "O3'"  O N N 117 
DT  "C2'"  C N N 118 
DT  "C1'"  C N R 119 
DT  N1     N N N 120 
DT  C2     C N N 121 
DT  O2     O N N 122 
DT  N3     N N N 123 
DT  C4     C N N 124 
DT  O4     O N N 125 
DT  C5     C N N 126 
DT  C7     C N N 127 
DT  C6     C N N 128 
DT  HOP3   H N N 129 
DT  HOP2   H N N 130 
DT  "H5'"  H N N 131 
DT  "H5''" H N N 132 
DT  "H4'"  H N N 133 
DT  "H3'"  H N N 134 
DT  "HO3'" H N N 135 
DT  "H2'"  H N N 136 
DT  "H2''" H N N 137 
DT  "H1'"  H N N 138 
DT  H3     H N N 139 
DT  H71    H N N 140 
DT  H72    H N N 141 
DT  H73    H N N 142 
DT  H6     H N N 143 
HOH O      O N N 144 
HOH H1     H N N 145 
HOH H2     H N N 146 
# 
loop_
_chem_comp_bond.comp_id 
_chem_comp_bond.atom_id_1 
_chem_comp_bond.atom_id_2 
_chem_comp_bond.value_order 
_chem_comp_bond.pdbx_aromatic_flag 
_chem_comp_bond.pdbx_stereo_config 
_chem_comp_bond.pdbx_ordinal 
DA  OP3   P      sing N N 1   
DA  OP3   HOP3   sing N N 2   
DA  P     OP1    doub N N 3   
DA  P     OP2    sing N N 4   
DA  P     "O5'"  sing N N 5   
DA  OP2   HOP2   sing N N 6   
DA  "O5'" "C5'"  sing N N 7   
DA  "C5'" "C4'"  sing N N 8   
DA  "C5'" "H5'"  sing N N 9   
DA  "C5'" "H5''" sing N N 10  
DA  "C4'" "O4'"  sing N N 11  
DA  "C4'" "C3'"  sing N N 12  
DA  "C4'" "H4'"  sing N N 13  
DA  "O4'" "C1'"  sing N N 14  
DA  "C3'" "O3'"  sing N N 15  
DA  "C3'" "C2'"  sing N N 16  
DA  "C3'" "H3'"  sing N N 17  
DA  "O3'" "HO3'" sing N N 18  
DA  "C2'" "C1'"  sing N N 19  
DA  "C2'" "H2'"  sing N N 20  
DA  "C2'" "H2''" sing N N 21  
DA  "C1'" N9     sing N N 22  
DA  "C1'" "H1'"  sing N N 23  
DA  N9    C8     sing Y N 24  
DA  N9    C4     sing Y N 25  
DA  C8    N7     doub Y N 26  
DA  C8    H8     sing N N 27  
DA  N7    C5     sing Y N 28  
DA  C5    C6     sing Y N 29  
DA  C5    C4     doub Y N 30  
DA  C6    N6     sing N N 31  
DA  C6    N1     doub Y N 32  
DA  N6    H61    sing N N 33  
DA  N6    H62    sing N N 34  
DA  N1    C2     sing Y N 35  
DA  C2    N3     doub Y N 36  
DA  C2    H2     sing N N 37  
DA  N3    C4     sing Y N 38  
DC  OP3   P      sing N N 39  
DC  OP3   HOP3   sing N N 40  
DC  P     OP1    doub N N 41  
DC  P     OP2    sing N N 42  
DC  P     "O5'"  sing N N 43  
DC  OP2   HOP2   sing N N 44  
DC  "O5'" "C5'"  sing N N 45  
DC  "C5'" "C4'"  sing N N 46  
DC  "C5'" "H5'"  sing N N 47  
DC  "C5'" "H5''" sing N N 48  
DC  "C4'" "O4'"  sing N N 49  
DC  "C4'" "C3'"  sing N N 50  
DC  "C4'" "H4'"  sing N N 51  
DC  "O4'" "C1'"  sing N N 52  
DC  "C3'" "O3'"  sing N N 53  
DC  "C3'" "C2'"  sing N N 54  
DC  "C3'" "H3'"  sing N N 55  
DC  "O3'" "HO3'" sing N N 56  
DC  "C2'" "C1'"  sing N N 57  
DC  "C2'" "H2'"  sing N N 58  
DC  "C2'" "H2''" sing N N 59  
DC  "C1'" N1     sing N N 60  
DC  "C1'" "H1'"  sing N N 61  
DC  N1    C2     sing N N 62  
DC  N1    C6     sing N N 63  
DC  C2    O2     doub N N 64  
DC  C2    N3     sing N N 65  
DC  N3    C4     doub N N 66  
DC  C4    N4     sing N N 67  
DC  C4    C5     sing N N 68  
DC  N4    H41    sing N N 69  
DC  N4    H42    sing N N 70  
DC  C5    C6     doub N N 71  
DC  C5    H5     sing N N 72  
DC  C6    H6     sing N N 73  
DG  OP3   P      sing N N 74  
DG  OP3   HOP3   sing N N 75  
DG  P     OP1    doub N N 76  
DG  P     OP2    sing N N 77  
DG  P     "O5'"  sing N N 78  
DG  OP2   HOP2   sing N N 79  
DG  "O5'" "C5'"  sing N N 80  
DG  "C5'" "C4'"  sing N N 81  
DG  "C5'" "H5'"  sing N N 82  
DG  "C5'" "H5''" sing N N 83  
DG  "C4'" "O4'"  sing N N 84  
DG  "C4'" "C3'"  sing N N 85  
DG  "C4'" "H4'"  sing N N 86  
DG  "O4'" "C1'"  sing N N 87  
DG  "C3'" "O3'"  sing N N 88  
DG  "C3'" "C2'"  sing N N 89  
DG  "C3'" "H3'"  sing N N 90  
DG  "O3'" "HO3'" sing N N 91  
DG  "C2'" "C1'"  sing N N 92  
DG  "C2'" "H2'"  sing N N 93  
DG  "C2'" "H2''" sing N N 94  
DG  "C1'" N9     sing N N 95  
DG  "C1'" "H1'"  sing N N 96  
DG  N9    C8     sing Y N 97  
DG  N9    C4     sing Y N 98  
DG  C8    N7     doub Y N 99  
DG  C8    H8     sing N N 100 
DG  N7    C5     sing Y N 101 
DG  C5    C6     sing N N 102 
DG  C5    C4     doub Y N 103 
DG  C6    O6     doub N N 104 
DG  C6    N1     sing N N 105 
DG  N1    C2     sing N N 106 
DG  N1    H1     sing N N 107 
DG  C2    N2     sing N N 108 
DG  C2    N3     doub N N 109 
DG  N2    H21    sing N N 110 
DG  N2    H22    sing N N 111 
DG  N3    C4     sing N N 112 
DT  OP3   P      sing N N 113 
DT  OP3   HOP3   sing N N 114 
DT  P     OP1    doub N N 115 
DT  P     OP2    sing N N 116 
DT  P     "O5'"  sing N N 117 
DT  OP2   HOP2   sing N N 118 
DT  "O5'" "C5'"  sing N N 119 
DT  "C5'" "C4'"  sing N N 120 
DT  "C5'" "H5'"  sing N N 121 
DT  "C5'" "H5''" sing N N 122 
DT  "C4'" "O4'"  sing N N 123 
DT  "C4'" "C3'"  sing N N 124 
DT  "C4'" "H4'"  sing N N 125 
DT  "O4'" "C1'"  sing N N 126 
DT  "C3'" "O3'"  sing N N 127 
DT  "C3'" "C2'"  sing N N 128 
DT  "C3'" "H3'"  sing N N 129 
DT  "O3'" "HO3'" sing N N 130 
DT  "C2'" "C1'"  sing N N 131 
DT  "C2'" "H2'"  sing N N 132 
DT  "C2'" "H2''" sing N N 133 
DT  "C1'" N1     sing N N 134 
DT  "C1'" "H1'"  sing N N 135 
DT  N1    C2     sing N N 136 
DT  N1    C6     sing N N 137 
DT  C2    O2     doub N N 138 
DT  C2    N3     sing N N 139 
DT  N3    C4     sing N N 140 
DT  N3    H3     sing N N 141 
DT  C4    O4     doub N N 142 
DT  C4    C5     sing N N 143 
DT  C5    C7     sing N N 144 
DT  C5    C6     doub N N 145 
DT  C7    H71    sing N N 146 
DT  C7    H72    sing N N 147 
DT  C7    H73    sing N N 148 
DT  C6    H6     sing N N 149 
HOH O     H1     sing N N 150 
HOH O     H2     sing N N 151 
# 
loop_
_ndb_struct_conf_na.entry_id 
_ndb_struct_conf_na.feature 
3QK4 'double helix'         
3QK4 'a-form double helix'  
3QK4 'mismatched base pair' 
# 
loop_
_ndb_struct_na_base_pair.model_number 
_ndb_struct_na_base_pair.i_label_asym_id 
_ndb_struct_na_base_pair.i_label_comp_id 
_ndb_struct_na_base_pair.i_label_seq_id 
_ndb_struct_na_base_pair.i_symmetry 
_ndb_struct_na_base_pair.j_label_asym_id 
_ndb_struct_na_base_pair.j_label_comp_id 
_ndb_struct_na_base_pair.j_label_seq_id 
_ndb_struct_na_base_pair.j_symmetry 
_ndb_struct_na_base_pair.shear 
_ndb_struct_na_base_pair.stretch 
_ndb_struct_na_base_pair.stagger 
_ndb_struct_na_base_pair.buckle 
_ndb_struct_na_base_pair.propeller 
_ndb_struct_na_base_pair.opening 
_ndb_struct_na_base_pair.pair_number 
_ndb_struct_na_base_pair.pair_name 
_ndb_struct_na_base_pair.i_auth_asym_id 
_ndb_struct_na_base_pair.i_auth_seq_id 
_ndb_struct_na_base_pair.i_PDB_ins_code 
_ndb_struct_na_base_pair.j_auth_asym_id 
_ndb_struct_na_base_pair.j_auth_seq_id 
_ndb_struct_na_base_pair.j_PDB_ins_code 
_ndb_struct_na_base_pair.hbond_type_28 
_ndb_struct_na_base_pair.hbond_type_12 
1 A DC 1  1_555 B DG 14 1_555 0.398  -0.888 -2.160 16.056  26.865  -14.458 1  A_DC1:DG14_B A 1  ? B 14 ? 19 1 
1 A DG 2  1_555 B DC 13 1_555 -1.024 -0.378 -0.275 -16.873 -6.820  -18.087 2  A_DG2:DC13_B A 2  ? B 13 ? ?  1 
1 A DC 3  1_555 B DG 12 1_555 -0.050 0.270  -0.887 -8.672  3.866   -0.255  3  A_DC3:DG12_B A 3  ? B 12 ? 19 1 
1 A DG 4  1_555 B DC 11 1_555 -0.330 0.539  1.193  17.705  -13.237 19.649  4  A_DG4:DC11_B A 4  ? B 11 ? ?  1 
1 A DG 5  1_555 B DC 10 1_555 0.455  -0.347 1.443  23.306  -26.081 5.205   5  A_DG5:DC10_B A 5  ? B 10 ? 19 1 
1 A DG 6  1_555 B DC 9  1_555 0.152  0.721  -0.413 -15.281 -14.629 -20.017 6  A_DG6:DC9_B  A 6  ? B 9  ? ?  ? 
1 A DT 7  1_555 B DA 8  1_555 -0.330 0.185  -0.345 -7.247  -14.893 -28.587 7  A_DT7:DA8_B  A 7  ? B 8  ? 20 1 
1 A DC 9  1_555 B DG 6  1_555 -0.017 -0.347 0.764  4.163   -7.810  -21.712 8  A_DC9:DG6_B  A 9  ? B 6  ? ?  1 
1 A DC 10 1_555 B DG 5  1_555 -0.268 -0.060 0.242  2.159   -22.368 -24.750 9  A_DC10:DG5_B A 10 ? B 5  ? ?  1 
1 A DG 12 1_555 B DC 3  1_555 0.149  0.237  -0.442 -5.891  -19.802 -3.714  10 A_DG12:DC3_B A 12 ? B 3  ? 19 1 
1 A DC 13 1_555 B DG 2  1_555 0.139  0.063  -0.446 12.187  -10.008 -10.311 11 A_DC13:DG2_B A 13 ? B 2  ? 19 1 
1 A DG 14 1_555 B DC 1  1_555 -0.115 0.434  0.668  3.829   15.506  0.206   12 A_DG14:DC1_B A 14 ? B 1  ? ?  1 
# 
loop_
_ndb_struct_na_base_pair_step.model_number 
_ndb_struct_na_base_pair_step.i_label_asym_id_1 
_ndb_struct_na_base_pair_step.i_label_comp_id_1 
_ndb_struct_na_base_pair_step.i_label_seq_id_1 
_ndb_struct_na_base_pair_step.i_symmetry_1 
_ndb_struct_na_base_pair_step.j_label_asym_id_1 
_ndb_struct_na_base_pair_step.j_label_comp_id_1 
_ndb_struct_na_base_pair_step.j_label_seq_id_1 
_ndb_struct_na_base_pair_step.j_symmetry_1 
_ndb_struct_na_base_pair_step.i_label_asym_id_2 
_ndb_struct_na_base_pair_step.i_label_comp_id_2 
_ndb_struct_na_base_pair_step.i_label_seq_id_2 
_ndb_struct_na_base_pair_step.i_symmetry_2 
_ndb_struct_na_base_pair_step.j_label_asym_id_2 
_ndb_struct_na_base_pair_step.j_label_comp_id_2 
_ndb_struct_na_base_pair_step.j_label_seq_id_2 
_ndb_struct_na_base_pair_step.j_symmetry_2 
_ndb_struct_na_base_pair_step.shift 
_ndb_struct_na_base_pair_step.slide 
_ndb_struct_na_base_pair_step.rise 
_ndb_struct_na_base_pair_step.tilt 
_ndb_struct_na_base_pair_step.roll 
_ndb_struct_na_base_pair_step.twist 
_ndb_struct_na_base_pair_step.x_displacement 
_ndb_struct_na_base_pair_step.y_displacement 
_ndb_struct_na_base_pair_step.helical_rise 
_ndb_struct_na_base_pair_step.inclination 
_ndb_struct_na_base_pair_step.tip 
_ndb_struct_na_base_pair_step.helical_twist 
_ndb_struct_na_base_pair_step.step_number 
_ndb_struct_na_base_pair_step.step_name 
_ndb_struct_na_base_pair_step.i_auth_asym_id_1 
_ndb_struct_na_base_pair_step.i_auth_seq_id_1 
_ndb_struct_na_base_pair_step.i_PDB_ins_code_1 
_ndb_struct_na_base_pair_step.j_auth_asym_id_1 
_ndb_struct_na_base_pair_step.j_auth_seq_id_1 
_ndb_struct_na_base_pair_step.j_PDB_ins_code_1 
_ndb_struct_na_base_pair_step.i_auth_asym_id_2 
_ndb_struct_na_base_pair_step.i_auth_seq_id_2 
_ndb_struct_na_base_pair_step.i_PDB_ins_code_2 
_ndb_struct_na_base_pair_step.j_auth_asym_id_2 
_ndb_struct_na_base_pair_step.j_auth_seq_id_2 
_ndb_struct_na_base_pair_step.j_PDB_ins_code_2 
1 A DC 1  1_555 B DG 14 1_555 A DG 2  1_555 B DC 13 1_555 -0.387 -0.924 4.421 -8.016 34.457 54.684 -2.812  -0.089 3.400 33.870 
7.879   64.381 1 AA_DC1DG2:DC13DG14_BB A 1  ? B 14 ? A 2  ? B 13 ? 
1 A DG 2  1_555 B DC 13 1_555 A DC 3  1_555 B DG 12 1_555 -0.349 -3.235 3.104 10.423 2.735  12.974 -12.523 6.840  1.655 10.115 
-38.552 16.851 2 AA_DG2DC3:DG12DC13_BB A 2  ? B 13 ? A 3  ? B 12 ? 
1 A DC 3  1_555 B DG 12 1_555 A DG 4  1_555 B DC 11 1_555 2.635  -0.152 1.626 -8.075 20.179 38.272 -1.000  -3.850 0.894 28.182 
11.277  43.811 3 AA_DC3DG4:DC11DG12_BB A 3  ? B 12 ? A 4  ? B 11 ? 
1 A DG 4  1_555 B DC 11 1_555 A DG 5  1_555 B DC 10 1_555 -0.071 -2.249 3.408 7.124  8.219  22.537 -7.458  2.124  2.328 19.629 
-17.012 24.994 4 AA_DG4DG5:DC10DC11_BB A 4  ? B 11 ? A 5  ? B 10 ? 
1 A DG 5  1_555 B DC 10 1_555 A DG 6  1_555 B DC 9  1_555 -2.843 -1.380 4.361 6.765  7.483  40.578 -2.903  4.863  3.565 10.593 
-9.576  41.762 5 AA_DG5DG6:DC9DC10_BB  A 5  ? B 10 ? A 6  ? B 9  ? 
1 A DG 6  1_555 B DC 9  1_555 A DT 7  1_555 B DA 8  1_555 -1.372 -1.638 3.024 -6.814 14.446 25.223 -5.755  1.457  2.096 29.595 
13.960  29.786 6 AA_DG6DT7:DA8DC9_BB   A 6  ? B 9  ? A 7  ? B 8  ? 
1 A DC 9  1_555 B DG 6  1_555 A DC 10 1_555 B DG 5  1_555 -0.446 -2.829 2.999 -0.874 -1.536 33.667 -4.644  0.636  3.131 -2.649 
1.508   33.712 7 AA_DC9DC10:DG5DG6_BB  A 9  ? B 6  ? A 10 ? B 5  ? 
1 A DG 12 1_555 B DC 3  1_555 A DC 13 1_555 B DG 2  1_555 1.029  -1.174 3.363 -4.400 -0.752 13.788 -3.991  -7.957 2.950 -3.030 
17.732  14.489 8 AA_DG12DC13:DG2DC3_BB A 12 ? B 3  ? A 13 ? B 2  ? 
1 A DC 13 1_555 B DG 2  1_555 A DG 14 1_555 B DC 1  1_555 2.626  -0.940 2.800 3.015  7.127  50.676 -1.510  -2.859 2.794 8.271  
-3.499  51.225 9 AA_DC13DG14:DC1DG2_BB A 13 ? B 2  ? A 14 ? B 1  ? 
# 
_pdbx_initial_refinement_model.accession_code   ? 
_pdbx_initial_refinement_model.id               1 
_pdbx_initial_refinement_model.entity_id_list   ? 
_pdbx_initial_refinement_model.type             'in silico model' 
_pdbx_initial_refinement_model.source_name      Other 
_pdbx_initial_refinement_model.details          'A-DNA fiber Model' 
# 
loop_
_pdbx_reflns_twin.domain_id 
_pdbx_reflns_twin.crystal_id 
_pdbx_reflns_twin.diffrn_id 
_pdbx_reflns_twin.type 
_pdbx_reflns_twin.operator 
_pdbx_reflns_twin.fraction 
1 1 1 ? 'H, K, L'   0.673 
2 1 1 ? '-H, K, -L' 0.327 
# 
_atom_sites.entry_id                    3QK4 
_atom_sites.fract_transf_matrix[1][1]   -0.02602564 
_atom_sites.fract_transf_matrix[1][2]   0.01421749 
_atom_sites.fract_transf_matrix[1][3]   -0.01762306 
_atom_sites.fract_transf_matrix[2][1]   0.02080178 
_atom_sites.fract_transf_matrix[2][2]   0.00440722 
_atom_sites.fract_transf_matrix[2][3]   -0.02716441 
_atom_sites.fract_transf_matrix[3][1]   -0.00295748 
_atom_sites.fract_transf_matrix[3][2]   -0.01029049 
_atom_sites.fract_transf_matrix[3][3]   -0.00393431 
_atom_sites.fract_transf_vector[1]      0.327184 
_atom_sites.fract_transf_vector[2]      0.090859 
_atom_sites.fract_transf_vector[3]      0.000136 
# 
loop_
_atom_type.symbol 
C 
N 
O 
P 
# 
loop_
_atom_site.group_PDB 
_atom_site.id 
_atom_site.type_symbol 
_atom_site.label_atom_id 
_atom_site.label_alt_id 
_atom_site.label_comp_id 
_atom_site.label_asym_id 
_atom_site.label_entity_id 
_atom_site.label_seq_id 
_atom_site.pdbx_PDB_ins_code 
_atom_site.Cartn_x 
_atom_site.Cartn_y 
_atom_site.Cartn_z 
_atom_site.occupancy 
_atom_site.B_iso_or_equiv 
_atom_site.pdbx_formal_charge 
_atom_site.auth_seq_id 
_atom_site.auth_comp_id 
_atom_site.auth_asym_id 
_atom_site.auth_atom_id 
_atom_site.pdbx_PDB_model_num 
ATOM   1   O "O5'" . DC  A 1 1  ? 8.367   -3.744  -14.472 1.00 27.30  ? 1  DC  A "O5'" 1 
ATOM   2   C "C5'" . DC  A 1 1  ? 7.089   -3.436  -13.740 1.00 56.85  ? 1  DC  A "C5'" 1 
ATOM   3   C "C4'" . DC  A 1 1  ? 5.720   -3.823  -14.395 1.00 62.58  ? 1  DC  A "C4'" 1 
ATOM   4   O "O4'" . DC  A 1 1  ? 5.440   -5.209  -14.015 1.00 50.07  ? 1  DC  A "O4'" 1 
ATOM   5   C "C3'" . DC  A 1 1  ? 4.381   -3.019  -14.103 1.00 69.87  ? 1  DC  A "C3'" 1 
ATOM   6   O "O3'" . DC  A 1 1  ? 3.483   -2.437  -15.265 1.00 75.78  ? 1  DC  A "O3'" 1 
ATOM   7   C "C2'" . DC  A 1 1  ? 3.599   -4.096  -13.328 1.00 47.31  ? 1  DC  A "C2'" 1 
ATOM   8   C "C1'" . DC  A 1 1  ? 4.037   -5.363  -14.064 1.00 56.56  ? 1  DC  A "C1'" 1 
ATOM   9   N N1    . DC  A 1 1  ? 3.580   -6.747  -13.564 1.00 55.06  ? 1  DC  A N1    1 
ATOM   10  C C2    . DC  A 1 1  ? 2.633   -7.522  -14.274 1.00 52.50  ? 1  DC  A C2    1 
ATOM   11  O O2    . DC  A 1 1  ? 2.114   -7.129  -15.322 1.00 49.17  ? 1  DC  A O2    1 
ATOM   12  N N3    . DC  A 1 1  ? 2.276   -8.734  -13.789 1.00 59.28  ? 1  DC  A N3    1 
ATOM   13  C C4    . DC  A 1 1  ? 2.802   -9.204  -12.658 1.00 56.54  ? 1  DC  A C4    1 
ATOM   14  N N4    . DC  A 1 1  ? 2.391   -10.403 -12.235 1.00 60.25  ? 1  DC  A N4    1 
ATOM   15  C C5    . DC  A 1 1  ? 3.756   -8.457  -11.914 1.00 42.79  ? 1  DC  A C5    1 
ATOM   16  C C6    . DC  A 1 1  ? 4.105   -7.257  -12.406 1.00 52.54  ? 1  DC  A C6    1 
ATOM   17  P P     . DG  A 1 2  ? 3.044   -0.922  -15.815 1.00 66.30  ? 2  DG  A P     1 
ATOM   18  O OP1   . DG  A 1 2  ? 4.059   -0.509  -16.825 1.00 41.04  ? 2  DG  A OP1   1 
ATOM   19  O OP2   . DG  A 1 2  ? 2.889   0.026   -14.689 1.00 60.68  ? 2  DG  A OP2   1 
ATOM   20  O "O5'" . DG  A 1 2  ? 1.564   -1.132  -16.501 1.00 49.38  ? 2  DG  A "O5'" 1 
ATOM   21  C "C5'" . DG  A 1 2  ? 0.338   -0.315  -16.181 1.00 44.07  ? 2  DG  A "C5'" 1 
ATOM   22  C "C4'" . DG  A 1 2  ? -1.081  -0.958  -16.016 1.00 47.25  ? 2  DG  A "C4'" 1 
ATOM   23  O "O4'" . DG  A 1 2  ? -1.266  -2.338  -16.517 1.00 46.52  ? 2  DG  A "O4'" 1 
ATOM   24  C "C3'" . DG  A 1 2  ? -1.788  -1.114  -14.652 1.00 45.99  ? 2  DG  A "C3'" 1 
ATOM   25  O "O3'" . DG  A 1 2  ? -2.132  0.048   -13.800 1.00 42.69  ? 2  DG  A "O3'" 1 
ATOM   26  C "C2'" . DG  A 1 2  ? -3.056  -1.781  -15.211 1.00 46.66  ? 2  DG  A "C2'" 1 
ATOM   27  C "C1'" . DG  A 1 2  ? -2.423  -2.950  -15.925 1.00 37.92  ? 2  DG  A "C1'" 1 
ATOM   28  N N9    . DG  A 1 2  ? -2.004  -3.868  -14.880 1.00 34.78  ? 2  DG  A N9    1 
ATOM   29  C C8    . DG  A 1 2  ? -0.726  -3.857  -14.389 1.00 35.38  ? 2  DG  A C8    1 
ATOM   30  N N7    . DG  A 1 2  ? -0.513  -4.720  -13.448 1.00 49.17  ? 2  DG  A N7    1 
ATOM   31  C C5    . DG  A 1 2  ? -1.733  -5.343  -13.266 1.00 59.24  ? 2  DG  A C5    1 
ATOM   32  C C6    . DG  A 1 2  ? -2.063  -6.388  -12.349 1.00 73.27  ? 2  DG  A C6    1 
ATOM   33  O O6    . DG  A 1 2  ? -1.321  -6.922  -11.513 1.00 78.94  ? 2  DG  A O6    1 
ATOM   34  N N1    . DG  A 1 2  ? -3.393  -6.800  -12.442 1.00 60.79  ? 2  DG  A N1    1 
ATOM   35  C C2    . DG  A 1 2  ? -4.291  -6.249  -13.333 1.00 65.62  ? 2  DG  A C2    1 
ATOM   36  N N2    . DG  A 1 2  ? -5.505  -6.806  -13.252 1.00 49.01  ? 2  DG  A N2    1 
ATOM   37  N N3    . DG  A 1 2  ? -4.010  -5.257  -14.217 1.00 68.18  ? 2  DG  A N3    1 
ATOM   38  C C4    . DG  A 1 2  ? -2.695  -4.837  -14.140 1.00 59.75  ? 2  DG  A C4    1 
ATOM   39  P P     . DC  A 1 3  ? -2.264  -0.253  -12.219 1.00 42.18  ? 3  DC  A P     1 
ATOM   40  O OP1   . DC  A 1 3  ? -2.712  0.885   -11.432 1.00 28.55  ? 3  DC  A OP1   1 
ATOM   41  O OP2   . DC  A 1 3  ? -1.057  -1.022  -11.838 1.00 29.07  ? 3  DC  A OP2   1 
ATOM   42  O "O5'" . DC  A 1 3  ? -3.511  -1.250  -12.139 1.00 55.53  ? 3  DC  A "O5'" 1 
ATOM   43  C "C5'" . DC  A 1 3  ? -4.811  -0.877  -12.651 1.00 55.50  ? 3  DC  A "C5'" 1 
ATOM   44  C "C4'" . DC  A 1 3  ? -5.931  -1.567  -11.931 1.00 47.61  ? 3  DC  A "C4'" 1 
ATOM   45  O "O4'" . DC  A 1 3  ? -5.842  -2.980  -12.274 1.00 53.25  ? 3  DC  A "O4'" 1 
ATOM   46  C "C3'" . DC  A 1 3  ? -5.832  -1.621  -10.404 1.00 71.62  ? 3  DC  A "C3'" 1 
ATOM   47  O "O3'" . DC  A 1 3  ? -5.938  -0.350  -9.592  1.00 53.88  ? 3  DC  A "O3'" 1 
ATOM   48  C "C2'" . DC  A 1 3  ? -6.925  -2.695  -10.247 1.00 68.62  ? 3  DC  A "C2'" 1 
ATOM   49  C "C1'" . DC  A 1 3  ? -6.302  -3.756  -11.162 1.00 58.49  ? 3  DC  A "C1'" 1 
ATOM   50  N N1    . DC  A 1 3  ? -5.179  -4.579  -10.474 1.00 53.64  ? 3  DC  A N1    1 
ATOM   51  C C2    . DC  A 1 3  ? -5.429  -5.819  -9.831  1.00 58.11  ? 3  DC  A C2    1 
ATOM   52  O O2    . DC  A 1 3  ? -6.563  -6.316  -9.811  1.00 60.38  ? 3  DC  A O2    1 
ATOM   53  N N3    . DC  A 1 3  ? -4.401  -6.482  -9.227  1.00 48.15  ? 3  DC  A N3    1 
ATOM   54  C C4    . DC  A 1 3  ? -3.171  -5.966  -9.241  1.00 40.14  ? 3  DC  A C4    1 
ATOM   55  N N4    . DC  A 1 3  ? -2.180  -6.643  -8.660  1.00 46.37  ? 3  DC  A N4    1 
ATOM   56  C C5    . DC  A 1 3  ? -2.895  -4.718  -9.859  1.00 37.40  ? 3  DC  A C5    1 
ATOM   57  C C6    . DC  A 1 3  ? -3.904  -4.076  -10.454 1.00 36.68  ? 3  DC  A C6    1 
ATOM   58  P P     . DG  A 1 4  ? -5.584  -0.267  -8.004  1.00 60.52  ? 4  DG  A P     1 
ATOM   59  O OP1   . DG  A 1 4  ? -6.087  0.985   -7.398  1.00 57.97  ? 4  DG  A OP1   1 
ATOM   60  O OP2   . DG  A 1 4  ? -4.181  -0.683  -7.755  1.00 54.74  ? 4  DG  A OP2   1 
ATOM   61  O "O5'" . DG  A 1 4  ? -6.582  -1.342  -7.376  1.00 56.42  ? 4  DG  A "O5'" 1 
ATOM   62  C "C5'" . DG  A 1 4  ? -7.876  -0.987  -6.858  1.00 56.97  ? 4  DG  A "C5'" 1 
ATOM   63  C "C4'" . DG  A 1 4  ? -8.584  -2.243  -6.385  1.00 53.13  ? 4  DG  A "C4'" 1 
ATOM   64  O "O4'" . DG  A 1 4  ? -8.201  -3.296  -7.304  1.00 60.35  ? 4  DG  A "O4'" 1 
ATOM   65  C "C3'" . DG  A 1 4  ? -8.168  -2.729  -5.000  1.00 64.71  ? 4  DG  A "C3'" 1 
ATOM   66  O "O3'" . DG  A 1 4  ? -9.052  -2.197  -3.931  1.00 76.39  ? 4  DG  A "O3'" 1 
ATOM   67  C "C2'" . DG  A 1 4  ? -8.186  -4.256  -5.205  1.00 54.07  ? 4  DG  A "C2'" 1 
ATOM   68  C "C1'" . DG  A 1 4  ? -7.627  -4.396  -6.627  1.00 60.07  ? 4  DG  A "C1'" 1 
ATOM   69  N N9    . DG  A 1 4  ? -6.167  -4.313  -6.782  1.00 52.49  ? 4  DG  A N9    1 
ATOM   70  C C8    . DG  A 1 4  ? -5.469  -3.295  -7.359  1.00 51.51  ? 4  DG  A C8    1 
ATOM   71  N N7    . DG  A 1 4  ? -4.185  -3.418  -7.379  1.00 58.79  ? 4  DG  A N7    1 
ATOM   72  C C5    . DG  A 1 4  ? -3.995  -4.627  -6.763  1.00 50.26  ? 4  DG  A C5    1 
ATOM   73  C C6    . DG  A 1 4  ? -2.778  -5.285  -6.498  1.00 63.68  ? 4  DG  A C6    1 
ATOM   74  O O6    . DG  A 1 4  ? -1.634  -4.895  -6.791  1.00 68.67  ? 4  DG  A O6    1 
ATOM   75  N N1    . DG  A 1 4  ? -3.002  -6.510  -5.868  1.00 65.38  ? 4  DG  A N1    1 
ATOM   76  C C2    . DG  A 1 4  ? -4.252  -6.986  -5.537  1.00 62.34  ? 4  DG  A C2    1 
ATOM   77  N N2    . DG  A 1 4  ? -4.293  -8.167  -4.930  1.00 61.41  ? 4  DG  A N2    1 
ATOM   78  N N3    . DG  A 1 4  ? -5.400  -6.374  -5.783  1.00 52.38  ? 4  DG  A N3    1 
ATOM   79  C C4    . DG  A 1 4  ? -5.196  -5.195  -6.397  1.00 48.64  ? 4  DG  A C4    1 
ATOM   80  P P     . DG  A 1 5  ? -8.640  -1.681  -2.427  1.00 64.80  ? 5  DG  A P     1 
ATOM   81  O OP1   . DG  A 1 5  ? -9.683  -0.735  -1.978  1.00 61.20  ? 5  DG  A OP1   1 
ATOM   82  O OP2   . DG  A 1 5  ? -7.245  -1.192  -2.410  1.00 71.28  ? 5  DG  A OP2   1 
ATOM   83  O "O5'" . DG  A 1 5  ? -8.765  -3.009  -1.503  1.00 65.65  ? 5  DG  A "O5'" 1 
ATOM   84  C "C5'" . DG  A 1 5  ? -8.266  -4.347  -1.899  1.00 63.61  ? 5  DG  A "C5'" 1 
ATOM   85  C "C4'" . DG  A 1 5  ? -7.025  -4.808  -1.137  1.00 53.73  ? 5  DG  A "C4'" 1 
ATOM   86  O "O4'" . DG  A 1 5  ? -5.833  -4.890  -1.987  1.00 33.24  ? 5  DG  A "O4'" 1 
ATOM   87  C "C3'" . DG  A 1 5  ? -6.724  -3.844  0.028   1.00 57.00  ? 5  DG  A "C3'" 1 
ATOM   88  O "O3'" . DG  A 1 5  ? -7.394  -4.322  1.257   1.00 45.98  ? 5  DG  A "O3'" 1 
ATOM   89  C "C2'" . DG  A 1 5  ? -5.185  -3.693  0.046   1.00 37.92  ? 5  DG  A "C2'" 1 
ATOM   90  C "C1'" . DG  A 1 5  ? -4.736  -4.554  -1.158  1.00 32.23  ? 5  DG  A "C1'" 1 
ATOM   91  N N9    . DG  A 1 5  ? -3.548  -4.011  -1.813  1.00 42.60  ? 5  DG  A N9    1 
ATOM   92  C C8    . DG  A 1 5  ? -3.209  -2.792  -2.367  1.00 60.03  ? 5  DG  A C8    1 
ATOM   93  N N7    . DG  A 1 5  ? -1.958  -2.753  -2.792  1.00 58.63  ? 5  DG  A N7    1 
ATOM   94  C C5    . DG  A 1 5  ? -1.441  -4.010  -2.468  1.00 48.91  ? 5  DG  A C5    1 
ATOM   95  C C6    . DG  A 1 5  ? -0.166  -4.632  -2.640  1.00 46.94  ? 5  DG  A C6    1 
ATOM   96  O O6    . DG  A 1 5  ? 0.879   -4.159  -3.151  1.00 34.41  ? 5  DG  A O6    1 
ATOM   97  N N1    . DG  A 1 5  ? -0.183  -5.948  -2.126  1.00 43.30  ? 5  DG  A N1    1 
ATOM   98  C C2    . DG  A 1 5  ? -1.275  -6.556  -1.530  1.00 41.84  ? 5  DG  A C2    1 
ATOM   99  N N2    . DG  A 1 5  ? -1.235  -7.801  -1.042  1.00 36.06  ? 5  DG  A N2    1 
ATOM   100 N N3    . DG  A 1 5  ? -2.421  -5.979  -1.380  1.00 34.17  ? 5  DG  A N3    1 
ATOM   101 C C4    . DG  A 1 5  ? -2.428  -4.745  -1.865  1.00 42.63  ? 5  DG  A C4    1 
ATOM   102 P P     . DG  A 1 6  ? -7.846  -3.405  2.505   1.00 45.39  ? 6  DG  A P     1 
ATOM   103 O OP1   . DG  A 1 6  ? -9.051  -4.097  3.026   1.00 38.79  ? 6  DG  A OP1   1 
ATOM   104 O OP2   . DG  A 1 6  ? -8.012  -1.983  2.120   1.00 45.60  ? 6  DG  A OP2   1 
ATOM   105 O "O5'" . DG  A 1 6  ? -6.513  -3.471  3.436   1.00 29.10  ? 6  DG  A "O5'" 1 
ATOM   106 C "C5'" . DG  A 1 6  ? -6.429  -3.819  4.809   1.00 19.41  ? 6  DG  A "C5'" 1 
ATOM   107 C "C4'" . DG  A 1 6  ? -5.502  -5.033  5.119   1.00 19.36  ? 6  DG  A "C4'" 1 
ATOM   108 O "O4'" . DG  A 1 6  ? -4.957  -5.825  4.010   1.00 35.82  ? 6  DG  A "O4'" 1 
ATOM   109 C "C3'" . DG  A 1 6  ? -4.215  -4.743  5.829   1.00 10.89  ? 6  DG  A "C3'" 1 
ATOM   110 O "O3'" . DG  A 1 6  ? -4.428  -4.230  7.104   1.00 35.02  ? 6  DG  A "O3'" 1 
ATOM   111 C "C2'" . DG  A 1 6  ? -3.790  -6.184  5.936   1.00 29.00  ? 6  DG  A "C2'" 1 
ATOM   112 C "C1'" . DG  A 1 6  ? -3.729  -6.487  4.438   1.00 53.67  ? 6  DG  A "C1'" 1 
ATOM   113 N N9    . DG  A 1 6  ? -2.522  -6.027  3.675   1.00 56.89  ? 6  DG  A N9    1 
ATOM   114 C C8    . DG  A 1 6  ? -2.710  -4.906  2.901   1.00 83.02  ? 6  DG  A C8    1 
ATOM   115 N N7    . DG  A 1 6  ? -1.696  -4.488  2.224   1.00 62.26  ? 6  DG  A N7    1 
ATOM   116 C C5    . DG  A 1 6  ? -0.709  -5.383  2.552   1.00 45.21  ? 6  DG  A C5    1 
ATOM   117 C C6    . DG  A 1 6  ? 0.601   -5.312  2.022   1.00 49.98  ? 6  DG  A C6    1 
ATOM   118 O O6    . DG  A 1 6  ? 1.030   -4.439  1.242   1.00 60.54  ? 6  DG  A O6    1 
ATOM   119 N N1    . DG  A 1 6  ? 1.404   -6.351  2.501   1.00 51.90  ? 6  DG  A N1    1 
ATOM   120 C C2    . DG  A 1 6  ? 0.943   -7.327  3.389   1.00 47.50  ? 6  DG  A C2    1 
ATOM   121 N N2    . DG  A 1 6  ? 1.885   -8.241  3.718   1.00 43.53  ? 6  DG  A N2    1 
ATOM   122 N N3    . DG  A 1 6  ? -0.316  -7.392  3.910   1.00 37.02  ? 6  DG  A N3    1 
ATOM   123 C C4    . DG  A 1 6  ? -1.149  -6.375  3.451   1.00 45.35  ? 6  DG  A C4    1 
ATOM   124 P P     . DT  A 1 7  ? -3.323  -3.345  7.854   1.00 52.05  ? 7  DT  A P     1 
ATOM   125 O OP1   . DT  A 1 7  ? -4.033  -2.373  8.733   1.00 51.39  ? 7  DT  A OP1   1 
ATOM   126 O OP2   . DT  A 1 7  ? -2.406  -2.833  6.821   1.00 38.90  ? 7  DT  A OP2   1 
ATOM   127 O "O5'" . DT  A 1 7  ? -2.528  -4.423  8.769   1.00 52.80  ? 7  DT  A "O5'" 1 
ATOM   128 C "C5'" . DT  A 1 7  ? -1.628  -5.315  8.125   1.00 29.19  ? 7  DT  A "C5'" 1 
ATOM   129 C "C4'" . DT  A 1 7  ? -0.530  -5.967  8.930   1.00 11.35  ? 7  DT  A "C4'" 1 
ATOM   130 O "O4'" . DT  A 1 7  ? -0.102  -6.930  7.963   1.00 20.57  ? 7  DT  A "O4'" 1 
ATOM   131 C "C3'" . DT  A 1 7  ? 0.803   -5.236  9.029   1.00 38.82  ? 7  DT  A "C3'" 1 
ATOM   132 O "O3'" . DT  A 1 7  ? 1.000   -4.314  10.093  1.00 49.87  ? 7  DT  A "O3'" 1 
ATOM   133 C "C2'" . DT  A 1 7  ? 1.753   -6.424  9.126   1.00 40.85  ? 7  DT  A "C2'" 1 
ATOM   134 C "C1'" . DT  A 1 7  ? 1.304   -6.991  7.807   1.00 27.45  ? 7  DT  A "C1'" 1 
ATOM   135 N N1    . DT  A 1 7  ? 1.690   -6.127  6.683   1.00 36.17  ? 7  DT  A N1    1 
ATOM   136 C C2    . DT  A 1 7  ? 2.993   -6.088  6.218   1.00 45.85  ? 7  DT  A C2    1 
ATOM   137 O O2    . DT  A 1 7  ? 3.890   -6.771  6.699   1.00 46.34  ? 7  DT  A O2    1 
ATOM   138 N N3    . DT  A 1 7  ? 3.198   -5.203  5.167   1.00 43.91  ? 7  DT  A N3    1 
ATOM   139 C C4    . DT  A 1 7  ? 2.273   -4.381  4.546   1.00 37.23  ? 7  DT  A C4    1 
ATOM   140 O O4    . DT  A 1 7  ? 2.496   -3.619  3.594   1.00 37.39  ? 7  DT  A O4    1 
ATOM   141 C C5    . DT  A 1 7  ? 0.961   -4.490  5.085   1.00 44.81  ? 7  DT  A C5    1 
ATOM   142 C C7    . DT  A 1 7  ? -0.119  -3.636  4.513   1.00 53.45  ? 7  DT  A C7    1 
ATOM   143 C C6    . DT  A 1 7  ? 0.735   -5.332  6.095   1.00 49.60  ? 7  DT  A C6    1 
ATOM   144 P P     . DA  A 1 8  ? 1.768   -2.949  9.760   1.00 39.61  ? 8  DA  A P     1 
ATOM   145 O OP1   . DA  A 1 8  ? 0.863   -1.817  10.080  1.00 46.71  ? 8  DA  A OP1   1 
ATOM   146 O OP2   . DA  A 1 8  ? 2.354   -3.048  8.406   1.00 30.17  ? 8  DA  A OP2   1 
ATOM   147 O "O5'" . DA  A 1 8  ? 2.939   -2.876  10.848  1.00 34.43  ? 8  DA  A "O5'" 1 
ATOM   148 C "C5'" . DA  A 1 8  ? 4.146   -3.648  10.611  1.00 52.53  ? 8  DA  A "C5'" 1 
ATOM   149 C "C4'" . DA  A 1 8  ? 5.329   -2.754  10.235  1.00 52.90  ? 8  DA  A "C4'" 1 
ATOM   150 O "O4'" . DA  A 1 8  ? 6.143   -3.246  9.094   1.00 57.43  ? 8  DA  A "O4'" 1 
ATOM   151 C "C3'" . DA  A 1 8  ? 4.890   -1.378  9.789   1.00 45.39  ? 8  DA  A "C3'" 1 
ATOM   152 O "O3'" . DA  A 1 8  ? 4.164   -0.650  10.846  1.00 29.54  ? 8  DA  A "O3'" 1 
ATOM   153 C "C2'" . DA  A 1 8  ? 6.288   -0.983  9.296   1.00 53.86  ? 8  DA  A "C2'" 1 
ATOM   154 C "C1'" . DA  A 1 8  ? 6.620   -2.139  8.312   1.00 52.25  ? 8  DA  A "C1'" 1 
ATOM   155 N N9    . DA  A 1 8  ? 6.000   -1.842  6.979   1.00 36.85  ? 8  DA  A N9    1 
ATOM   156 C C8    . DA  A 1 8  ? 4.632   -1.883  6.920   1.00 34.87  ? 8  DA  A C8    1 
ATOM   157 N N7    . DA  A 1 8  ? 4.103   -1.604  5.759   1.00 40.86  ? 8  DA  A N7    1 
ATOM   158 C C5    . DA  A 1 8  ? 5.206   -1.333  4.954   1.00 47.72  ? 8  DA  A C5    1 
ATOM   159 C C6    . DA  A 1 8  ? 5.301   -0.954  3.574   1.00 64.97  ? 8  DA  A C6    1 
ATOM   160 N N6    . DA  A 1 8  ? 4.231   -0.805  2.776   1.00 77.29  ? 8  DA  A N6    1 
ATOM   161 N N1    . DA  A 1 8  ? 6.529   -0.743  3.022   1.00 52.94  ? 8  DA  A N1    1 
ATOM   162 C C2    . DA  A 1 8  ? 7.601   -0.909  3.815   1.00 35.07  ? 8  DA  A C2    1 
ATOM   163 N N3    . DA  A 1 8  ? 7.624   -1.249  5.116   1.00 30.41  ? 8  DA  A N3    1 
ATOM   164 C C4    . DA  A 1 8  ? 6.394   -1.462  5.673   1.00 32.15  ? 8  DA  A C4    1 
ATOM   165 P P     . DC  A 1 9  ? 4.529   0.836   11.383  1.00 47.99  ? 9  DC  A P     1 
ATOM   166 O OP1   . DC  A 1 9  ? 5.086   0.606   12.714  1.00 47.77  ? 9  DC  A OP1   1 
ATOM   167 O OP2   . DC  A 1 9  ? 3.388   1.763   11.307  1.00 45.51  ? 9  DC  A OP2   1 
ATOM   168 O "O5'" . DC  A 1 9  ? 5.709   1.379   10.458  1.00 35.79  ? 9  DC  A "O5'" 1 
ATOM   169 C "C5'" . DC  A 1 9  ? 6.502   2.484   10.907  1.00 24.39  ? 9  DC  A "C5'" 1 
ATOM   170 C "C4'" . DC  A 1 9  ? 7.863   2.402   10.240  1.00 27.96  ? 9  DC  A "C4'" 1 
ATOM   171 O "O4'" . DC  A 1 9  ? 7.926   1.286   9.304   1.00 22.27  ? 9  DC  A "O4'" 1 
ATOM   172 C "C3'" . DC  A 1 9  ? 8.147   3.579   9.350   1.00 18.44  ? 9  DC  A "C3'" 1 
ATOM   173 O "O3'" . DC  A 1 9  ? 8.640   4.686   10.067  1.00 25.04  ? 9  DC  A "O3'" 1 
ATOM   174 C "C2'" . DC  A 1 9  ? 9.159   3.012   8.396   1.00 25.08  ? 9  DC  A "C2'" 1 
ATOM   175 C "C1'" . DC  A 1 9  ? 8.438   1.730   8.053   1.00 36.50  ? 9  DC  A "C1'" 1 
ATOM   176 N N1    . DC  A 1 9  ? 7.258   1.885   7.155   1.00 23.52  ? 9  DC  A N1    1 
ATOM   177 C C2    . DC  A 1 9  ? 7.272   2.483   5.897   1.00 29.27  ? 9  DC  A C2    1 
ATOM   178 O O2    . DC  A 1 9  ? 8.345   2.918   5.468   1.00 31.44  ? 9  DC  A O2    1 
ATOM   179 N N3    . DC  A 1 9  ? 6.092   2.554   5.215   1.00 19.48  ? 9  DC  A N3    1 
ATOM   180 C C4    . DC  A 1 9  ? 4.968   2.034   5.770   1.00 27.39  ? 9  DC  A C4    1 
ATOM   181 N N4    . DC  A 1 9  ? 3.800   2.074   5.132   1.00 37.57  ? 9  DC  A N4    1 
ATOM   182 C C5    . DC  A 1 9  ? 4.942   1.431   7.040   1.00 28.81  ? 9  DC  A C5    1 
ATOM   183 C C6    . DC  A 1 9  ? 6.102   1.388   7.655   1.00 37.51  ? 9  DC  A C6    1 
ATOM   184 P P     . DC  A 1 10 ? 7.742   5.922   9.704   1.00 51.76  ? 10 DC  A P     1 
ATOM   185 O OP1   . DC  A 1 10 ? 7.982   6.996   10.685  1.00 59.70  ? 10 DC  A OP1   1 
ATOM   186 O OP2   . DC  A 1 10 ? 6.355   5.434   9.527   1.00 36.22  ? 10 DC  A OP2   1 
ATOM   187 O "O5'" . DC  A 1 10 ? 8.380   6.291   8.255   1.00 52.67  ? 10 DC  A "O5'" 1 
ATOM   188 C "C5'" . DC  A 1 10 ? 9.037   7.548   7.930   1.00 39.87  ? 10 DC  A "C5'" 1 
ATOM   189 C "C4'" . DC  A 1 10 ? 9.781   7.518   6.598   1.00 14.66  ? 10 DC  A "C4'" 1 
ATOM   190 O "O4'" . DC  A 1 10 ? 9.602   6.254   5.945   1.00 30.48  ? 10 DC  A "O4'" 1 
ATOM   191 C "C3'" . DC  A 1 10 ? 9.263   8.464   5.529   1.00 19.83  ? 10 DC  A "C3'" 1 
ATOM   192 O "O3'" . DC  A 1 10 ? 9.914   9.696   5.477   1.00 29.98  ? 10 DC  A "O3'" 1 
ATOM   193 C "C2'" . DC  A 1 10 ? 9.546   7.730   4.251   1.00 40.81  ? 10 DC  A "C2'" 1 
ATOM   194 C "C1'" . DC  A 1 10 ? 8.974   6.399   4.699   1.00 31.00  ? 10 DC  A "C1'" 1 
ATOM   195 N N1    . DC  A 1 10 ? 7.438   6.242   4.746   1.00 23.93  ? 10 DC  A N1    1 
ATOM   196 C C2    . DC  A 1 10 ? 6.679   6.531   3.604   1.00 31.40  ? 10 DC  A C2    1 
ATOM   197 O O2    . DC  A 1 10 ? 7.262   6.941   2.604   1.00 35.66  ? 10 DC  A O2    1 
ATOM   198 N N3    . DC  A 1 10 ? 5.328   6.364   3.613   1.00 35.98  ? 10 DC  A N3    1 
ATOM   199 C C4    . DC  A 1 10 ? 4.711   5.922   4.694   1.00 35.73  ? 10 DC  A C4    1 
ATOM   200 N N4    . DC  A 1 10 ? 3.376   5.794   4.599   1.00 24.44  ? 10 DC  A N4    1 
ATOM   201 C C5    . DC  A 1 10 ? 5.448   5.610   5.879   1.00 27.81  ? 10 DC  A C5    1 
ATOM   202 C C6    . DC  A 1 10 ? 6.780   5.764   5.859   1.00 23.13  ? 10 DC  A C6    1 
ATOM   203 P P     . DC  A 1 11 ? 8.889   10.783  5.991   1.00 36.96  ? 11 DC  A P     1 
ATOM   204 O OP1   . DC  A 1 11 ? 9.505   11.842  6.825   1.00 22.54  ? 11 DC  A OP1   1 
ATOM   205 O OP2   . DC  A 1 11 ? 7.714   10.025  6.450   1.00 54.83  ? 11 DC  A OP2   1 
ATOM   206 O "O5'" . DC  A 1 11 ? 8.344   11.276  4.627   1.00 20.94  ? 11 DC  A "O5'" 1 
ATOM   207 C "C5'" . DC  A 1 11 ? 8.003   12.602  4.603   1.00 24.10  ? 11 DC  A "C5'" 1 
ATOM   208 C "C4'" . DC  A 1 11 ? 6.714   12.592  3.871   1.00 12.83  ? 11 DC  A "C4'" 1 
ATOM   209 O "O4'" . DC  A 1 11 ? 6.362   11.221  3.809   1.00 29.56  ? 11 DC  A "O4'" 1 
ATOM   210 C "C3'" . DC  A 1 11 ? 5.554   12.907  4.741   1.00 29.47  ? 11 DC  A "C3'" 1 
ATOM   211 O "O3'" . DC  A 1 11 ? 5.727   14.226  5.204   1.00 35.97  ? 11 DC  A "O3'" 1 
ATOM   212 C "C2'" . DC  A 1 11 ? 4.606   12.626  3.574   1.00 24.69  ? 11 DC  A "C2'" 1 
ATOM   213 C "C1'" . DC  A 1 11 ? 5.025   11.175  3.373   1.00 16.14  ? 11 DC  A "C1'" 1 
ATOM   214 N N1    . DC  A 1 11 ? 4.307   10.174  4.259   1.00 11.37  ? 11 DC  A N1    1 
ATOM   215 C C2    . DC  A 1 11 ? 3.089   9.647   3.838   1.00 13.63  ? 11 DC  A C2    1 
ATOM   216 O O2    . DC  A 1 11 ? 2.586   9.993   2.724   1.00 23.13  ? 11 DC  A O2    1 
ATOM   217 N N3    . DC  A 1 11 ? 2.522   8.753   4.724   1.00 19.38  ? 11 DC  A N3    1 
ATOM   218 C C4    . DC  A 1 11 ? 3.062   8.399   5.943   1.00 20.26  ? 11 DC  A C4    1 
ATOM   219 N N4    . DC  A 1 11 ? 2.512   7.530   6.799   1.00 22.58  ? 11 DC  A N4    1 
ATOM   220 C C5    . DC  A 1 11 ? 4.272   8.904   6.398   1.00 2.00   ? 11 DC  A C5    1 
ATOM   221 C C6    . DC  A 1 11 ? 4.830   9.771   5.500   1.00 26.72  ? 11 DC  A C6    1 
ATOM   222 P P     . DG  A 1 12 ? 5.243   14.851  6.598   1.00 37.61  ? 12 DG  A P     1 
ATOM   223 O OP1   . DG  A 1 12 ? 6.410   15.753  6.974   1.00 22.80  ? 12 DG  A OP1   1 
ATOM   224 O OP2   . DG  A 1 12 ? 4.708   13.828  7.552   1.00 19.25  ? 12 DG  A OP2   1 
ATOM   225 O "O5'" . DG  A 1 12 ? 4.036   15.665  5.876   1.00 42.56  ? 12 DG  A "O5'" 1 
ATOM   226 C "C5'" . DG  A 1 12 ? 4.209   16.156  4.450   1.00 48.91  ? 12 DG  A "C5'" 1 
ATOM   227 C "C4'" . DG  A 1 12 ? 3.009   16.209  3.474   1.00 37.40  ? 12 DG  A "C4'" 1 
ATOM   228 O "O4'" . DG  A 1 12 ? 2.555   14.902  2.987   1.00 46.53  ? 12 DG  A "O4'" 1 
ATOM   229 C "C3'" . DG  A 1 12 ? 1.753   16.763  4.102   1.00 42.02  ? 12 DG  A "C3'" 1 
ATOM   230 O "O3'" . DG  A 1 12 ? 1.812   18.211  4.403   1.00 45.61  ? 12 DG  A "O3'" 1 
ATOM   231 C "C2'" . DG  A 1 12 ? 0.669   16.215  3.158   1.00 33.48  ? 12 DG  A "C2'" 1 
ATOM   232 C "C1'" . DG  A 1 12 ? 1.125   14.765  2.934   1.00 23.35  ? 12 DG  A "C1'" 1 
ATOM   233 N N9    . DG  A 1 12 ? 0.669   13.643  3.815   1.00 2.00   ? 12 DG  A N9    1 
ATOM   234 C C8    . DG  A 1 12 ? 1.430   13.197  4.848   1.00 8.62   ? 12 DG  A C8    1 
ATOM   235 N N7    . DG  A 1 12 ? 0.938   12.212  5.550   1.00 14.54  ? 12 DG  A N7    1 
ATOM   236 C C5    . DG  A 1 12 ? -0.283  11.901  4.960   1.00 23.91  ? 12 DG  A C5    1 
ATOM   237 C C6    . DG  A 1 12 ? -1.265  10.895  5.287   1.00 18.83  ? 12 DG  A C6    1 
ATOM   238 O O6    . DG  A 1 12 ? -1.281  10.045  6.173   1.00 22.55  ? 12 DG  A O6    1 
ATOM   239 N N1    . DG  A 1 12 ? -2.368  10.860  4.487   1.00 7.99   ? 12 DG  A N1    1 
ATOM   240 C C2    . DG  A 1 12 ? -2.496  11.727  3.448   1.00 17.66  ? 12 DG  A C2    1 
ATOM   241 N N2    . DG  A 1 12 ? -3.625  11.594  2.759   1.00 20.00  ? 12 DG  A N2    1 
ATOM   242 N N3    . DG  A 1 12 ? -1.604  12.665  3.100   1.00 43.06  ? 12 DG  A N3    1 
ATOM   243 C C4    . DG  A 1 12 ? -0.472  12.759  3.885   1.00 36.31  ? 12 DG  A C4    1 
ATOM   244 P P     . DC  A 1 13 ? 2.030   18.751  5.923   1.00 44.23  ? 13 DC  A P     1 
ATOM   245 O OP1   . DC  A 1 13 ? 0.841   19.540  6.347   1.00 32.20  ? 13 DC  A OP1   1 
ATOM   246 O OP2   . DC  A 1 13 ? 3.379   19.393  6.068   1.00 31.06  ? 13 DC  A OP2   1 
ATOM   247 O "O5'" . DC  A 1 13 ? 2.119   17.397  6.761   1.00 51.01  ? 13 DC  A "O5'" 1 
ATOM   248 C "C5'" . DC  A 1 13 ? 1.085   16.877  7.589   1.00 51.71  ? 13 DC  A "C5'" 1 
ATOM   249 C "C4'" . DC  A 1 13 ? -0.228  17.088  6.863   1.00 55.35  ? 13 DC  A "C4'" 1 
ATOM   250 O "O4'" . DC  A 1 13 ? -0.543  15.926  6.041   1.00 47.38  ? 13 DC  A "O4'" 1 
ATOM   251 C "C3'" . DC  A 1 13 ? -1.455  17.409  7.720   1.00 67.74  ? 13 DC  A "C3'" 1 
ATOM   252 O "O3'" . DC  A 1 13 ? -1.496  18.818  8.099   1.00 59.76  ? 13 DC  A "O3'" 1 
ATOM   253 C "C2'" . DC  A 1 13 ? -2.548  16.956  6.735   1.00 65.47  ? 13 DC  A "C2'" 1 
ATOM   254 C "C1'" . DC  A 1 13 ? -1.927  15.734  6.041   1.00 38.36  ? 13 DC  A "C1'" 1 
ATOM   255 N N1    . DC  A 1 13 ? -1.950  14.628  6.901   1.00 35.82  ? 13 DC  A N1    1 
ATOM   256 C C2    . DC  A 1 13 ? -2.973  13.698  6.888   1.00 37.15  ? 13 DC  A C2    1 
ATOM   257 O O2    . DC  A 1 13 ? -3.924  13.794  6.102   1.00 36.86  ? 13 DC  A O2    1 
ATOM   258 N N3    . DC  A 1 13 ? -2.856  12.699  7.780   1.00 41.27  ? 13 DC  A N3    1 
ATOM   259 C C4    . DC  A 1 13 ? -1.813  12.616  8.613   1.00 26.06  ? 13 DC  A C4    1 
ATOM   260 N N4    . DC  A 1 13 ? -1.752  11.593  9.451   1.00 57.80  ? 13 DC  A N4    1 
ATOM   261 C C5    . DC  A 1 13 ? -0.760  13.551  8.640   1.00 43.77  ? 13 DC  A C5    1 
ATOM   262 C C6    . DC  A 1 13 ? -0.885  14.530  7.752   1.00 34.61  ? 13 DC  A C6    1 
ATOM   263 P P     . DG  A 1 14 ? -2.224  19.357  9.430   1.00 70.09  ? 14 DG  A P     1 
ATOM   264 O OP1   . DG  A 1 14 ? -1.985  20.822  9.491   1.00 87.89  ? 14 DG  A OP1   1 
ATOM   265 O OP2   . DG  A 1 14 ? -1.720  18.553  10.558  1.00 60.77  ? 14 DG  A OP2   1 
ATOM   266 O "O5'" . DG  A 1 14 ? -3.825  19.111  9.171   1.00 81.44  ? 14 DG  A "O5'" 1 
ATOM   267 C "C5'" . DG  A 1 14 ? -4.816  18.797  10.253  1.00 89.78  ? 14 DG  A "C5'" 1 
ATOM   268 C "C4'" . DG  A 1 14 ? -6.217  18.278  9.830   1.00 69.52  ? 14 DG  A "C4'" 1 
ATOM   269 O "O4'" . DG  A 1 14 ? -6.107  17.331  8.715   1.00 87.68  ? 14 DG  A "O4'" 1 
ATOM   270 C "C3'" . DG  A 1 14 ? -7.032  17.511  10.885  1.00 47.92  ? 14 DG  A "C3'" 1 
ATOM   271 O "O3'" . DG  A 1 14 ? -8.186  18.191  11.335  1.00 33.21  ? 14 DG  A "O3'" 1 
ATOM   272 C "C2'" . DG  A 1 14 ? -7.543  16.305  10.100  1.00 62.23  ? 14 DG  A "C2'" 1 
ATOM   273 C "C1'" . DG  A 1 14 ? -6.446  16.007  9.099   1.00 72.38  ? 14 DG  A "C1'" 1 
ATOM   274 N N9    . DG  A 1 14 ? -5.249  15.387  9.681   1.00 66.29  ? 14 DG  A N9    1 
ATOM   275 C C8    . DG  A 1 14 ? -4.007  15.921  9.535   1.00 48.00  ? 14 DG  A C8    1 
ATOM   276 N N7    . DG  A 1 14 ? -3.070  15.280  10.124  1.00 53.59  ? 14 DG  A N7    1 
ATOM   277 C C5    . DG  A 1 14 ? -3.711  14.231  10.717  1.00 61.39  ? 14 DG  A C5    1 
ATOM   278 C C6    . DG  A 1 14 ? -3.131  13.207  11.496  1.00 86.61  ? 14 DG  A C6    1 
ATOM   279 O O6    . DG  A 1 14 ? -1.918  13.073  11.782  1.00 90.09  ? 14 DG  A O6    1 
ATOM   280 N N1    . DG  A 1 14 ? -4.106  12.296  11.926  1.00 89.50  ? 14 DG  A N1    1 
ATOM   281 C C2    . DG  A 1 14 ? -5.449  12.382  11.635  1.00 72.15  ? 14 DG  A C2    1 
ATOM   282 N N2    . DG  A 1 14 ? -6.210  11.415  12.148  1.00 53.35  ? 14 DG  A N2    1 
ATOM   283 N N3    . DG  A 1 14 ? -5.991  13.351  10.901  1.00 80.35  ? 14 DG  A N3    1 
ATOM   284 C C4    . DG  A 1 14 ? -5.064  14.256  10.467  1.00 72.75  ? 14 DG  A C4    1 
ATOM   285 O "O5'" . DC  B 1 1  ? -5.551  3.328   17.494  1.00 29.59  ? 1  DC  B "O5'" 1 
ATOM   286 C "C5'" . DC  B 1 1  ? -5.457  2.877   16.108  1.00 20.11  ? 1  DC  B "C5'" 1 
ATOM   287 C "C4'" . DC  B 1 1  ? -5.578  4.181   15.345  1.00 34.56  ? 1  DC  B "C4'" 1 
ATOM   288 O "O4'" . DC  B 1 1  ? -4.437  5.054   15.590  1.00 43.98  ? 1  DC  B "O4'" 1 
ATOM   289 C "C3'" . DC  B 1 1  ? -5.770  4.159   13.823  1.00 33.50  ? 1  DC  B "C3'" 1 
ATOM   290 O "O3'" . DC  B 1 1  ? -7.190  4.390   13.484  1.00 44.61  ? 1  DC  B "O3'" 1 
ATOM   291 C "C2'" . DC  B 1 1  ? -4.927  5.358   13.404  1.00 39.87  ? 1  DC  B "C2'" 1 
ATOM   292 C "C1'" . DC  B 1 1  ? -4.693  6.134   14.708  1.00 41.89  ? 1  DC  B "C1'" 1 
ATOM   293 N N1    . DC  B 1 1  ? -3.634  7.238   14.541  1.00 43.74  ? 1  DC  B N1    1 
ATOM   294 C C2    . DC  B 1 1  ? -3.935  8.266   13.640  1.00 75.87  ? 1  DC  B C2    1 
ATOM   295 O O2    . DC  B 1 1  ? -5.018  8.264   13.042  1.00 95.25  ? 1  DC  B O2    1 
ATOM   296 N N3    . DC  B 1 1  ? -3.051  9.268   13.421  1.00 79.02  ? 1  DC  B N3    1 
ATOM   297 C C4    . DC  B 1 1  ? -1.878  9.312   14.033  1.00 55.55  ? 1  DC  B C4    1 
ATOM   298 N N4    . DC  B 1 1  ? -1.106  10.361  13.714  1.00 47.63  ? 1  DC  B N4    1 
ATOM   299 C C5    . DC  B 1 1  ? -1.520  8.279   14.959  1.00 44.61  ? 1  DC  B C5    1 
ATOM   300 C C6    . DC  B 1 1  ? -2.413  7.281   15.173  1.00 47.37  ? 1  DC  B C6    1 
ATOM   301 P P     . DG  B 1 2  ? -8.000  4.038   12.130  1.00 39.44  ? 2  DG  B P     1 
ATOM   302 O OP1   . DG  B 1 2  ? -8.832  2.846   12.306  1.00 37.32  ? 2  DG  B OP1   1 
ATOM   303 O OP2   . DG  B 1 2  ? -7.069  4.047   10.971  1.00 42.42  ? 2  DG  B OP2   1 
ATOM   304 O "O5'" . DG  B 1 2  ? -9.100  5.184   12.135  1.00 21.41  ? 2  DG  B "O5'" 1 
ATOM   305 C "C5'" . DG  B 1 2  ? -10.222 4.948   11.353  1.00 26.48  ? 2  DG  B "C5'" 1 
ATOM   306 C "C4'" . DG  B 1 2  ? -10.510 6.042   10.332  1.00 23.76  ? 2  DG  B "C4'" 1 
ATOM   307 O "O4'" . DG  B 1 2  ? -10.033 7.381   10.654  1.00 35.40  ? 2  DG  B "O4'" 1 
ATOM   308 C "C3'" . DG  B 1 2  ? -9.860  5.765   9.008   1.00 50.34  ? 2  DG  B "C3'" 1 
ATOM   309 O "O3'" . DG  B 1 2  ? -10.439 4.579   8.443   1.00 44.66  ? 2  DG  B "O3'" 1 
ATOM   310 C "C2'" . DG  B 1 2  ? -10.130 7.123   8.334   1.00 46.46  ? 2  DG  B "C2'" 1 
ATOM   311 C "C1'" . DG  B 1 2  ? -9.697  8.076   9.452   1.00 27.32  ? 2  DG  B "C1'" 1 
ATOM   312 N N9    . DG  B 1 2  ? -8.277  8.346   9.631   1.00 7.65   ? 2  DG  B N9    1 
ATOM   313 C C8    . DG  B 1 2  ? -7.507  7.643   10.521  1.00 16.72  ? 2  DG  B C8    1 
ATOM   314 N N7    . DG  B 1 2  ? -6.268  8.023   10.599  1.00 18.12  ? 2  DG  B N7    1 
ATOM   315 C C5    . DG  B 1 2  ? -6.203  9.064   9.707   1.00 14.63  ? 2  DG  B C5    1 
ATOM   316 C C6    . DG  B 1 2  ? -5.093  9.876   9.396   1.00 27.15  ? 2  DG  B C6    1 
ATOM   317 O O6    . DG  B 1 2  ? -3.949  9.766   9.861   1.00 30.65  ? 2  DG  B O6    1 
ATOM   318 N N1    . DG  B 1 2  ? -5.399  10.852  8.455   1.00 11.61  ? 2  DG  B N1    1 
ATOM   319 C C2    . DG  B 1 2  ? -6.630  11.030  7.884   1.00 16.66  ? 2  DG  B C2    1 
ATOM   320 N N2    . DG  B 1 2  ? -6.757  12.006  6.989   1.00 10.47  ? 2  DG  B N2    1 
ATOM   321 N N3    . DG  B 1 2  ? -7.679  10.292  8.194   1.00 37.16  ? 2  DG  B N3    1 
ATOM   322 C C4    . DG  B 1 2  ? -7.417  9.303   9.108   1.00 21.67  ? 2  DG  B C4    1 
ATOM   323 P P     . DC  B 1 3  ? -9.784  3.866   7.178   1.00 46.63  ? 3  DC  B P     1 
ATOM   324 O OP1   . DC  B 1 3  ? -10.338 2.494   7.055   1.00 53.94  ? 3  DC  B OP1   1 
ATOM   325 O OP2   . DC  B 1 3  ? -8.307  3.926   7.384   1.00 21.58  ? 3  DC  B OP2   1 
ATOM   326 O "O5'" . DC  B 1 3  ? -10.493 4.719   5.982   1.00 37.27  ? 3  DC  B "O5'" 1 
ATOM   327 C "C5'" . DC  B 1 3  ? -10.026 4.789   4.579   1.00 61.12  ? 3  DC  B "C5'" 1 
ATOM   328 C "C4'" . DC  B 1 3  ? -9.826  6.202   3.938   1.00 56.80  ? 3  DC  B "C4'" 1 
ATOM   329 O "O4'" . DC  B 1 3  ? -9.145  7.139   4.819   1.00 25.20  ? 3  DC  B "O4'" 1 
ATOM   330 C "C3'" . DC  B 1 3  ? -8.980  6.254   2.651   1.00 56.30  ? 3  DC  B "C3'" 1 
ATOM   331 O "O3'" . DC  B 1 3  ? -9.694  6.062   1.417   1.00 44.21  ? 3  DC  B "O3'" 1 
ATOM   332 C "C2'" . DC  B 1 3  ? -8.329  7.626   2.625   1.00 46.79  ? 3  DC  B "C2'" 1 
ATOM   333 C "C1'" . DC  B 1 3  ? -8.331  8.019   4.085   1.00 37.34  ? 3  DC  B "C1'" 1 
ATOM   334 N N1    . DC  B 1 3  ? -6.992  7.974   4.658   1.00 31.35  ? 3  DC  B N1    1 
ATOM   335 C C2    . DC  B 1 3  ? -6.120  9.074   4.534   1.00 25.06  ? 3  DC  B C2    1 
ATOM   336 O O2    . DC  B 1 3  ? -6.469  10.062  3.891   1.00 27.08  ? 3  DC  B O2    1 
ATOM   337 N N3    . DC  B 1 3  ? -4.906  8.985   5.113   1.00 21.53  ? 3  DC  B N3    1 
ATOM   338 C C4    . DC  B 1 3  ? -4.573  7.863   5.769   1.00 20.31  ? 3  DC  B C4    1 
ATOM   339 N N4    . DC  B 1 3  ? -3.379  7.758   6.348   1.00 34.87  ? 3  DC  B N4    1 
ATOM   340 C C5    . DC  B 1 3  ? -5.437  6.762   5.935   1.00 17.97  ? 3  DC  B C5    1 
ATOM   341 C C6    . DC  B 1 3  ? -6.637  6.866   5.362   1.00 32.85  ? 3  DC  B C6    1 
ATOM   342 P P     . DG  B 1 4  ? -9.305  4.758   0.571   1.00 38.78  ? 4  DG  B P     1 
ATOM   343 O OP1   . DG  B 1 4  ? -10.381 4.553   -0.418  1.00 36.68  ? 4  DG  B OP1   1 
ATOM   344 O OP2   . DG  B 1 4  ? -8.883  3.707   1.525   1.00 15.74  ? 4  DG  B OP2   1 
ATOM   345 O "O5'" . DG  B 1 4  ? -8.012  5.198   -0.257  1.00 35.81  ? 4  DG  B "O5'" 1 
ATOM   346 C "C5'" . DG  B 1 4  ? -7.835  6.529   -0.844  1.00 53.71  ? 4  DG  B "C5'" 1 
ATOM   347 C "C4'" . DG  B 1 4  ? -6.359  6.872   -1.065  1.00 45.34  ? 4  DG  B "C4'" 1 
ATOM   348 O "O4'" . DG  B 1 4  ? -5.787  7.416   0.170   1.00 34.18  ? 4  DG  B "O4'" 1 
ATOM   349 C "C3'" . DG  B 1 4  ? -5.483  5.689   -1.489  1.00 27.47  ? 4  DG  B "C3'" 1 
ATOM   350 O "O3'" . DG  B 1 4  ? -4.484  6.078   -2.382  1.00 33.88  ? 4  DG  B "O3'" 1 
ATOM   351 C "C2'" . DG  B 1 4  ? -4.787  5.336   -0.199  1.00 32.70  ? 4  DG  B "C2'" 1 
ATOM   352 C "C1'" . DG  B 1 4  ? -4.549  6.746   0.291   1.00 20.84  ? 4  DG  B "C1'" 1 
ATOM   353 N N9    . DG  B 1 4  ? -3.824  6.681   1.541   1.00 29.10  ? 4  DG  B N9    1 
ATOM   354 C C8    . DG  B 1 4  ? -3.910  5.643   2.428   1.00 26.72  ? 4  DG  B C8    1 
ATOM   355 N N7    . DG  B 1 4  ? -3.063  5.759   3.419   1.00 42.11  ? 4  DG  B N7    1 
ATOM   356 C C5    . DG  B 1 4  ? -2.326  6.912   3.152   1.00 45.68  ? 4  DG  B C5    1 
ATOM   357 C C6    . DG  B 1 4  ? -1.271  7.535   3.886   1.00 52.89  ? 4  DG  B C6    1 
ATOM   358 O O6    . DG  B 1 4  ? -0.721  7.188   4.953   1.00 50.64  ? 4  DG  B O6    1 
ATOM   359 N N1    . DG  B 1 4  ? -0.832  8.696   3.251   1.00 58.90  ? 4  DG  B N1    1 
ATOM   360 C C2    . DG  B 1 4  ? -1.329  9.204   2.064   1.00 60.88  ? 4  DG  B C2    1 
ATOM   361 N N2    . DG  B 1 4  ? -0.767  10.337  1.609   1.00 61.03  ? 4  DG  B N2    1 
ATOM   362 N N3    . DG  B 1 4  ? -2.311  8.643   1.371   1.00 46.91  ? 4  DG  B N3    1 
ATOM   363 C C4    . DG  B 1 4  ? -2.764  7.494   1.967   1.00 47.45  ? 4  DG  B C4    1 
ATOM   364 P P     . DG  B 1 5  ? -4.327  5.341   -3.790  1.00 43.01  ? 5  DG  B P     1 
ATOM   365 O OP1   . DG  B 1 5  ? -5.679  4.987   -4.278  1.00 42.08  ? 5  DG  B OP1   1 
ATOM   366 O OP2   . DG  B 1 5  ? -3.392  4.229   -3.611  1.00 39.01  ? 5  DG  B OP2   1 
ATOM   367 O "O5'" . DG  B 1 5  ? -3.665  6.527   -4.679  1.00 42.62  ? 5  DG  B "O5'" 1 
ATOM   368 C "C5'" . DG  B 1 5  ? -3.305  7.861   -4.141  1.00 32.63  ? 5  DG  B "C5'" 1 
ATOM   369 C "C4'" . DG  B 1 5  ? -1.857  8.287   -3.730  1.00 17.32  ? 5  DG  B "C4'" 1 
ATOM   370 O "O4'" . DG  B 1 5  ? -1.715  8.029   -2.306  1.00 25.04  ? 5  DG  B "O4'" 1 
ATOM   371 C "C3'" . DG  B 1 5  ? -0.610  7.621   -4.308  1.00 23.83  ? 5  DG  B "C3'" 1 
ATOM   372 O "O3'" . DG  B 1 5  ? 0.220   8.289   -5.262  1.00 34.39  ? 5  DG  B "O3'" 1 
ATOM   373 C "C2'" . DG  B 1 5  ? 0.300   7.377   -3.124  1.00 19.35  ? 5  DG  B "C2'" 1 
ATOM   374 C "C1'" . DG  B 1 5  ? -0.367  8.039   -1.964  1.00 22.25  ? 5  DG  B "C1'" 1 
ATOM   375 N N9    . DG  B 1 5  ? -0.082  7.217   -0.796  1.00 23.39  ? 5  DG  B N9    1 
ATOM   376 C C8    . DG  B 1 5  ? -0.886  6.333   -0.126  1.00 46.71  ? 5  DG  B C8    1 
ATOM   377 N N7    . DG  B 1 5  ? -0.320  5.753   0.895   1.00 43.16  ? 5  DG  B N7    1 
ATOM   378 C C5    . DG  B 1 5  ? 0.958   6.290   0.880   1.00 29.45  ? 5  DG  B C5    1 
ATOM   379 C C6    . DG  B 1 5  ? 2.045   6.047   1.749   1.00 43.51  ? 5  DG  B C6    1 
ATOM   380 O O6    . DG  B 1 5  ? 2.100   5.287   2.722   1.00 62.09  ? 5  DG  B O6    1 
ATOM   381 N N1    . DG  B 1 5  ? 3.161   6.807   1.413   1.00 41.91  ? 5  DG  B N1    1 
ATOM   382 C C2    . DG  B 1 5  ? 3.230   7.676   0.339   1.00 44.90  ? 5  DG  B C2    1 
ATOM   383 N N2    . DG  B 1 5  ? 4.399   8.292   0.183   1.00 48.55  ? 5  DG  B N2    1 
ATOM   384 N N3    . DG  B 1 5  ? 2.237   7.929   -0.505  1.00 17.72  ? 5  DG  B N3    1 
ATOM   385 C C4    . DG  B 1 5  ? 1.132   7.196   -0.152  1.00 26.71  ? 5  DG  B C4    1 
ATOM   386 P P     . DG  B 1 6  ? 1.093   7.261   -6.162  1.00 62.83  ? 6  DG  B P     1 
ATOM   387 O OP1   . DG  B 1 6  ? 1.578   8.133   -7.303  1.00 25.77  ? 6  DG  B OP1   1 
ATOM   388 O OP2   . DG  B 1 6  ? 0.278   5.983   -6.295  1.00 32.77  ? 6  DG  B OP2   1 
ATOM   389 O "O5'" . DG  B 1 6  ? 2.361   6.841   -5.229  1.00 60.96  ? 6  DG  B "O5'" 1 
ATOM   390 C "C5'" . DG  B 1 6  ? 3.290   5.701   -5.403  1.00 50.16  ? 6  DG  B "C5'" 1 
ATOM   391 C "C4'" . DG  B 1 6  ? 4.527   5.858   -4.507  1.00 16.19  ? 6  DG  B "C4'" 1 
ATOM   392 O "O4'" . DG  B 1 6  ? 4.064   5.960   -3.104  1.00 28.62  ? 6  DG  B "O4'" 1 
ATOM   393 C "C3'" . DG  B 1 6  ? 5.578   4.750   -4.510  1.00 35.03  ? 6  DG  B "C3'" 1 
ATOM   394 O "O3'" . DG  B 1 6  ? 6.734   4.990   -5.463  1.00 55.86  ? 6  DG  B "O3'" 1 
ATOM   395 C "C2'" . DG  B 1 6  ? 5.979   4.725   -3.019  1.00 21.46  ? 6  DG  B "C2'" 1 
ATOM   396 C "C1'" . DG  B 1 6  ? 5.014   5.554   -2.138  1.00 32.84  ? 6  DG  B "C1'" 1 
ATOM   397 N N9    . DG  B 1 6  ? 4.445   4.736   -1.031  1.00 23.49  ? 6  DG  B N9    1 
ATOM   398 C C8    . DG  B 1 6  ? 3.184   4.191   -0.921  1.00 35.43  ? 6  DG  B C8    1 
ATOM   399 N N7    . DG  B 1 6  ? 2.955   3.467   0.145   1.00 20.46  ? 6  DG  B N7    1 
ATOM   400 C C5    . DG  B 1 6  ? 4.172   3.497   0.801   1.00 13.97  ? 6  DG  B C5    1 
ATOM   401 C C6    . DG  B 1 6  ? 4.614   2.879   2.018   1.00 47.71  ? 6  DG  B C6    1 
ATOM   402 O O6    . DG  B 1 6  ? 3.988   2.159   2.795   1.00 64.91  ? 6  DG  B O6    1 
ATOM   403 N N1    . DG  B 1 6  ? 5.937   3.131   2.353   1.00 21.29  ? 6  DG  B N1    1 
ATOM   404 C C2    . DG  B 1 6  ? 6.723   3.949   1.554   1.00 32.19  ? 6  DG  B C2    1 
ATOM   405 N N2    . DG  B 1 6  ? 8.009   4.213   1.879   1.00 28.57  ? 6  DG  B N2    1 
ATOM   406 N N3    . DG  B 1 6  ? 6.320   4.503   0.429   1.00 16.38  ? 6  DG  B N3    1 
ATOM   407 C C4    . DG  B 1 6  ? 5.060   4.262   0.105   1.00 11.41  ? 6  DG  B C4    1 
ATOM   408 P P     . DT  B 1 7  ? 7.399   4.005   -6.615  1.00 65.26  ? 7  DT  B P     1 
ATOM   409 O OP1   . DT  B 1 7  ? 8.449   4.767   -7.295  1.00 59.40  ? 7  DT  B OP1   1 
ATOM   410 O OP2   . DT  B 1 7  ? 6.352   3.421   -7.486  1.00 59.74  ? 7  DT  B OP2   1 
ATOM   411 O "O5'" . DT  B 1 7  ? 8.208   2.824   -5.880  1.00 55.84  ? 7  DT  B "O5'" 1 
ATOM   412 C "C5'" . DT  B 1 7  ? 7.964   2.363   -4.524  1.00 65.63  ? 7  DT  B "C5'" 1 
ATOM   413 C "C4'" . DT  B 1 7  ? 8.942   2.838   -3.434  1.00 67.12  ? 7  DT  B "C4'" 1 
ATOM   414 O "O4'" . DT  B 1 7  ? 8.222   3.709   -2.513  1.00 39.29  ? 7  DT  B "O4'" 1 
ATOM   415 C "C3'" . DT  B 1 7  ? 9.473   1.746   -2.474  1.00 67.97  ? 7  DT  B "C3'" 1 
ATOM   416 O "O3'" . DT  B 1 7  ? 10.667  1.036   -2.812  1.00 67.40  ? 7  DT  B "O3'" 1 
ATOM   417 C "C2'" . DT  B 1 7  ? 9.680   2.578   -1.219  1.00 40.42  ? 7  DT  B "C2'" 1 
ATOM   418 C "C1'" . DT  B 1 7  ? 8.253   3.091   -1.226  1.00 52.62  ? 7  DT  B "C1'" 1 
ATOM   419 N N1    . DT  B 1 7  ? 7.097   2.072   -1.162  1.00 58.54  ? 7  DT  B N1    1 
ATOM   420 C C2    . DT  B 1 7  ? 7.216   1.422   0.082   1.00 60.69  ? 7  DT  B C2    1 
ATOM   421 O O2    . DT  B 1 7  ? 8.086   1.574   0.937   1.00 52.54  ? 7  DT  B O2    1 
ATOM   422 N N3    . DT  B 1 7  ? 6.199   0.516   0.328   1.00 62.61  ? 7  DT  B N3    1 
ATOM   423 C C4    . DT  B 1 7  ? 5.117   0.167   -0.483  1.00 63.00  ? 7  DT  B C4    1 
ATOM   424 O O4    . DT  B 1 7  ? 4.265   -0.661  -0.169  1.00 83.13  ? 7  DT  B O4    1 
ATOM   425 C C5    . DT  B 1 7  ? 5.057   0.854   -1.736  1.00 46.95  ? 7  DT  B C5    1 
ATOM   426 C C7    . DT  B 1 7  ? 3.948   0.615   -2.712  1.00 49.08  ? 7  DT  B C7    1 
ATOM   427 C C6    . DT  B 1 7  ? 6.022   1.738   -1.977  1.00 53.47  ? 7  DT  B C6    1 
ATOM   428 P P     . DA  B 1 8  ? 10.695  -0.576  -2.923  1.00 65.20  ? 8  DA  B P     1 
ATOM   429 O OP1   . DA  B 1 8  ? 12.049  -0.972  -2.467  1.00 49.40  ? 8  DA  B OP1   1 
ATOM   430 O OP2   . DA  B 1 8  ? 10.060  -0.969  -4.225  1.00 51.83  ? 8  DA  B OP2   1 
ATOM   431 O "O5'" . DA  B 1 8  ? 9.780   -1.280  -1.852  1.00 48.36  ? 8  DA  B "O5'" 1 
ATOM   432 C "C5'" . DA  B 1 8  ? 9.628   -2.658  -2.176  1.00 51.33  ? 8  DA  B "C5'" 1 
ATOM   433 C "C4'" . DA  B 1 8  ? 10.752  -3.410  -1.499  1.00 43.66  ? 8  DA  B "C4'" 1 
ATOM   434 O "O4'" . DA  B 1 8  ? 10.784  -2.721  -0.241  1.00 48.48  ? 8  DA  B "O4'" 1 
ATOM   435 C "C3'" . DA  B 1 8  ? 10.513  -4.881  -1.164  1.00 50.06  ? 8  DA  B "C3'" 1 
ATOM   436 O "O3'" . DA  B 1 8  ? 11.254  -5.812  -1.986  1.00 45.01  ? 8  DA  B "O3'" 1 
ATOM   437 C "C2'" . DA  B 1 8  ? 10.928  -4.934  0.304   1.00 66.10  ? 8  DA  B "C2'" 1 
ATOM   438 C "C1'" . DA  B 1 8  ? 10.372  -3.596  0.792   1.00 56.62  ? 8  DA  B "C1'" 1 
ATOM   439 N N9    . DA  B 1 8  ? 8.911   -3.467  0.986   1.00 27.87  ? 8  DA  B N9    1 
ATOM   440 C C8    . DA  B 1 8  ? 8.070   -2.893  0.101   1.00 28.84  ? 8  DA  B C8    1 
ATOM   441 N N7    . DA  B 1 8  ? 6.819   -2.872  0.462   1.00 43.63  ? 8  DA  B N7    1 
ATOM   442 C C5    . DA  B 1 8  ? 6.845   -3.462  1.698   1.00 35.35  ? 8  DA  B C5    1 
ATOM   443 C C6    . DA  B 1 8  ? 5.808   -3.723  2.602   1.00 57.13  ? 8  DA  B C6    1 
ATOM   444 N N6    . DA  B 1 8  ? 4.544   -3.375  2.304   1.00 60.24  ? 8  DA  B N6    1 
ATOM   445 N N1    . DA  B 1 8  ? 6.116   -4.328  3.778   1.00 48.28  ? 8  DA  B N1    1 
ATOM   446 C C2    . DA  B 1 8  ? 7.381   -4.646  4.002   1.00 25.05  ? 8  DA  B C2    1 
ATOM   447 N N3    . DA  B 1 8  ? 8.422   -4.427  3.200   1.00 28.55  ? 8  DA  B N3    1 
ATOM   448 C C4    . DA  B 1 8  ? 8.107   -3.839  2.053   1.00 20.39  ? 8  DA  B C4    1 
ATOM   449 P P     . DC  B 1 9  ? 10.813  -5.899  -3.509  1.00 49.00  ? 9  DC  B P     1 
ATOM   450 O OP1   . DC  B 1 9  ? 11.899  -6.113  -4.484  1.00 40.49  ? 9  DC  B OP1   1 
ATOM   451 O OP2   . DC  B 1 9  ? 9.941   -4.710  -3.600  1.00 28.69  ? 9  DC  B OP2   1 
ATOM   452 O "O5'" . DC  B 1 9  ? 10.033  -7.281  -3.575  1.00 46.28  ? 9  DC  B "O5'" 1 
ATOM   453 C "C5'" . DC  B 1 9  ? 9.093   -7.396  -2.599  1.00 34.82  ? 9  DC  B "C5'" 1 
ATOM   454 C "C4'" . DC  B 1 9  ? 9.450   -8.473  -1.640  1.00 27.90  ? 9  DC  B "C4'" 1 
ATOM   455 O "O4'" . DC  B 1 9  ? 9.419   -7.912  -0.309  1.00 23.17  ? 9  DC  B "O4'" 1 
ATOM   456 C "C3'" . DC  B 1 9  ? 8.273   -9.400  -1.743  1.00 48.68  ? 9  DC  B "C3'" 1 
ATOM   457 O "O3'" . DC  B 1 9  ? 8.575   -10.481 -2.669  1.00 48.35  ? 9  DC  B "O3'" 1 
ATOM   458 C "C2'" . DC  B 1 9  ? 8.030   -9.686  -0.246  1.00 59.85  ? 9  DC  B "C2'" 1 
ATOM   459 C "C1'" . DC  B 1 9  ? 8.223   -8.307  0.373   1.00 40.17  ? 9  DC  B "C1'" 1 
ATOM   460 N N1    . DC  B 1 9  ? 6.994   -7.353  0.226   1.00 42.12  ? 9  DC  B N1    1 
ATOM   461 C C2    . DC  B 1 9  ? 5.930   -7.307  1.170   1.00 49.92  ? 9  DC  B C2    1 
ATOM   462 O O2    . DC  B 1 9  ? 5.989   -8.047  2.168   1.00 43.27  ? 9  DC  B O2    1 
ATOM   463 N N3    . DC  B 1 9  ? 4.861   -6.449  0.949   1.00 42.66  ? 9  DC  B N3    1 
ATOM   464 C C4    . DC  B 1 9  ? 4.842   -5.663  -0.159  1.00 37.66  ? 9  DC  B C4    1 
ATOM   465 N N4    . DC  B 1 9  ? 3.856   -4.796  -0.442  1.00 37.97  ? 9  DC  B N4    1 
ATOM   466 C C5    . DC  B 1 9  ? 5.874   -5.705  -1.114  1.00 20.56  ? 9  DC  B C5    1 
ATOM   467 C C6    . DC  B 1 9  ? 6.898   -6.526  -0.868  1.00 39.72  ? 9  DC  B C6    1 
ATOM   468 P P     . DC  B 1 10 ? 7.557   -11.630 -3.139  1.00 43.98  ? 10 DC  B P     1 
ATOM   469 O OP1   . DC  B 1 10 ? 8.439   -12.673 -3.694  1.00 32.92  ? 10 DC  B OP1   1 
ATOM   470 O OP2   . DC  B 1 10 ? 6.527   -11.133 -4.067  1.00 40.77  ? 10 DC  B OP2   1 
ATOM   471 O "O5'" . DC  B 1 10 ? 6.846   -12.037 -1.763  1.00 19.23  ? 10 DC  B "O5'" 1 
ATOM   472 C "C5'" . DC  B 1 10 ? 5.757   -11.241 -1.334  1.00 33.29  ? 10 DC  B "C5'" 1 
ATOM   473 C "C4'" . DC  B 1 10 ? 4.876   -11.644 -0.144  1.00 52.27  ? 10 DC  B "C4'" 1 
ATOM   474 O "O4'" . DC  B 1 10 ? 4.574   -10.423 0.625   1.00 41.92  ? 10 DC  B "O4'" 1 
ATOM   475 C "C3'" . DC  B 1 10 ? 3.487   -12.134 -0.565  1.00 48.38  ? 10 DC  B "C3'" 1 
ATOM   476 O "O3'" . DC  B 1 10 ? 3.340   -13.559 -0.713  1.00 52.34  ? 10 DC  B "O3'" 1 
ATOM   477 C "C2'" . DC  B 1 10 ? 2.543   -11.438 0.430   1.00 41.65  ? 10 DC  B "C2'" 1 
ATOM   478 C "C1'" . DC  B 1 10 ? 3.205   -10.071 0.493   1.00 31.89  ? 10 DC  B "C1'" 1 
ATOM   479 N N1    . DC  B 1 10 ? 3.019   -9.182  -0.749  1.00 49.90  ? 10 DC  B N1    1 
ATOM   480 C C2    . DC  B 1 10 ? 1.749   -8.675  -1.088  1.00 61.85  ? 10 DC  B C2    1 
ATOM   481 O O2    . DC  B 1 10 ? 0.769   -8.940  -0.369  1.00 67.51  ? 10 DC  B O2    1 
ATOM   482 N N3    . DC  B 1 10 ? 1.633   -7.900  -2.211  1.00 49.42  ? 10 DC  B N3    1 
ATOM   483 C C4    . DC  B 1 10 ? 2.692   -7.647  -2.982  1.00 43.36  ? 10 DC  B C4    1 
ATOM   484 N N4    . DC  B 1 10 ? 2.523   -6.884  -4.052  1.00 48.12  ? 10 DC  B N4    1 
ATOM   485 C C5    . DC  B 1 10 ? 3.980   -8.152  -2.682  1.00 36.95  ? 10 DC  B C5    1 
ATOM   486 C C6    . DC  B 1 10 ? 4.085   -8.883  -1.571  1.00 47.21  ? 10 DC  B C6    1 
ATOM   487 P P     . DC  B 1 11 ? 2.464   -13.948 -1.998  1.00 61.84  ? 11 DC  B P     1 
ATOM   488 O OP1   . DC  B 1 11 ? 2.961   -15.076 -2.847  1.00 39.15  ? 11 DC  B OP1   1 
ATOM   489 O OP2   . DC  B 1 11 ? 2.209   -12.627 -2.600  1.00 80.61  ? 11 DC  B OP2   1 
ATOM   490 O "O5'" . DC  B 1 11 ? 1.075   -14.378 -1.414  1.00 51.14  ? 11 DC  B "O5'" 1 
ATOM   491 C "C5'" . DC  B 1 11 ? 0.039   -14.535 -2.378  1.00 53.88  ? 11 DC  B "C5'" 1 
ATOM   492 C "C4'" . DC  B 1 11 ? -1.144  -13.678 -1.996  1.00 46.94  ? 11 DC  B "C4'" 1 
ATOM   493 O "O4'" . DC  B 1 11 ? -0.688  -12.347 -1.621  1.00 28.42  ? 11 DC  B "O4'" 1 
ATOM   494 C "C3'" . DC  B 1 11 ? -2.085  -13.487 -3.165  1.00 41.42  ? 11 DC  B "C3'" 1 
ATOM   495 O "O3'" . DC  B 1 11 ? -2.988  -14.618 -3.349  1.00 46.49  ? 11 DC  B "O3'" 1 
ATOM   496 C "C2'" . DC  B 1 11 ? -2.737  -12.162 -2.739  1.00 22.04  ? 11 DC  B "C2'" 1 
ATOM   497 C "C1'" . DC  B 1 11 ? -1.525  -11.384 -2.196  1.00 23.63  ? 11 DC  B "C1'" 1 
ATOM   498 N N1    . DC  B 1 11 ? -0.750  -10.569 -3.219  1.00 32.40  ? 11 DC  B N1    1 
ATOM   499 C C2    . DC  B 1 11 ? -1.511  -9.760  -4.078  1.00 60.25  ? 11 DC  B C2    1 
ATOM   500 O O2    . DC  B 1 11 ? -2.742  -9.752  -3.947  1.00 84.22  ? 11 DC  B O2    1 
ATOM   501 N N3    . DC  B 1 11 ? -0.880  -8.996  -5.024  1.00 63.49  ? 11 DC  B N3    1 
ATOM   502 C C4    . DC  B 1 11 ? 0.462   -9.018  -5.152  1.00 55.09  ? 11 DC  B C4    1 
ATOM   503 N N4    . DC  B 1 11 ? 1.061   -8.266  -6.100  1.00 74.46  ? 11 DC  B N4    1 
ATOM   504 C C5    . DC  B 1 11 ? 1.262   -9.821  -4.295  1.00 17.01  ? 11 DC  B C5    1 
ATOM   505 C C6    . DC  B 1 11 ? 0.628   -10.560 -3.364  1.00 30.58  ? 11 DC  B C6    1 
ATOM   506 P P     . DG  B 1 12 ? -2.612  -16.208 -3.378  1.00 45.31  ? 12 DG  B P     1 
ATOM   507 O OP1   . DG  B 1 12 ? -2.345  -16.659 -1.997  1.00 25.66  ? 12 DG  B OP1   1 
ATOM   508 O OP2   . DG  B 1 12 ? -1.686  -16.434 -4.516  1.00 30.07  ? 12 DG  B OP2   1 
ATOM   509 O "O5'" . DG  B 1 12 ? -4.013  -16.873 -3.794  1.00 48.01  ? 12 DG  B "O5'" 1 
ATOM   510 C "C5'" . DG  B 1 12 ? -5.223  -16.069 -3.695  1.00 58.03  ? 12 DG  B "C5'" 1 
ATOM   511 C "C4'" . DG  B 1 12 ? -6.136  -15.854 -4.922  1.00 61.86  ? 12 DG  B "C4'" 1 
ATOM   512 O "O4'" . DG  B 1 12 ? -6.705  -14.538 -4.679  1.00 61.23  ? 12 DG  B "O4'" 1 
ATOM   513 C "C3'" . DG  B 1 12 ? -5.623  -15.723 -6.374  1.00 58.07  ? 12 DG  B "C3'" 1 
ATOM   514 O "O3'" . DG  B 1 12 ? -5.614  -16.923 -7.126  1.00 57.09  ? 12 DG  B "O3'" 1 
ATOM   515 C "C2'" . DG  B 1 12 ? -6.649  -14.781 -6.994  1.00 40.96  ? 12 DG  B "C2'" 1 
ATOM   516 C "C1'" . DG  B 1 12 ? -6.731  -13.758 -5.872  1.00 61.89  ? 12 DG  B "C1'" 1 
ATOM   517 N N9    . DG  B 1 12 ? -5.615  -12.810 -5.886  1.00 69.40  ? 12 DG  B N9    1 
ATOM   518 C C8    . DG  B 1 12 ? -4.347  -13.060 -5.415  1.00 64.15  ? 12 DG  B C8    1 
ATOM   519 N N7    . DG  B 1 12 ? -3.534  -12.055 -5.543  1.00 67.19  ? 12 DG  B N7    1 
ATOM   520 C C5    . DG  B 1 12 ? -4.302  -11.058 -6.139  1.00 64.33  ? 12 DG  B C5    1 
ATOM   521 C C6    . DG  B 1 12 ? -3.942  -9.740  -6.527  1.00 43.22  ? 12 DG  B C6    1 
ATOM   522 O O6    . DG  B 1 12 ? -2.848  -9.185  -6.422  1.00 38.82  ? 12 DG  B O6    1 
ATOM   523 N N1    . DG  B 1 12 ? -4.991  -9.027  -7.100  1.00 45.46  ? 12 DG  B N1    1 
ATOM   524 C C2    . DG  B 1 12 ? -6.251  -9.555  -7.279  1.00 65.34  ? 12 DG  B C2    1 
ATOM   525 N N2    . DG  B 1 12 ? -7.137  -8.728  -7.854  1.00 80.23  ? 12 DG  B N2    1 
ATOM   526 N N3    . DG  B 1 12 ? -6.618  -10.795 -6.926  1.00 66.39  ? 12 DG  B N3    1 
ATOM   527 C C4    . DG  B 1 12 ? -5.596  -11.504 -6.360  1.00 70.43  ? 12 DG  B C4    1 
ATOM   528 P P     . DC  B 1 13 ? -4.373  -17.296 -8.068  1.00 57.01  ? 13 DC  B P     1 
ATOM   529 O OP1   . DC  B 1 13 ? -4.807  -18.416 -8.940  1.00 54.70  ? 13 DC  B OP1   1 
ATOM   530 O OP2   . DC  B 1 13 ? -3.286  -17.583 -7.102  1.00 41.44  ? 13 DC  B OP2   1 
ATOM   531 O "O5'" . DC  B 1 13 ? -4.112  -15.944 -8.935  1.00 37.84  ? 13 DC  B "O5'" 1 
ATOM   532 C "C5'" . DC  B 1 13 ? -4.733  -15.568 -10.189 1.00 39.70  ? 13 DC  B "C5'" 1 
ATOM   533 C "C4'" . DC  B 1 13 ? -5.556  -14.270 -10.170 1.00 54.63  ? 13 DC  B "C4'" 1 
ATOM   534 O "O4'" . DC  B 1 13 ? -5.066  -13.306 -9.173  1.00 48.06  ? 13 DC  B "O4'" 1 
ATOM   535 C "C3'" . DC  B 1 13 ? -5.635  -13.500 -11.504 1.00 56.64  ? 13 DC  B "C3'" 1 
ATOM   536 O "O3'" . DC  B 1 13 ? -6.727  -13.834 -12.373 1.00 68.42  ? 13 DC  B "O3'" 1 
ATOM   537 C "C2'" . DC  B 1 13 ? -5.941  -12.099 -11.012 1.00 67.53  ? 13 DC  B "C2'" 1 
ATOM   538 C "C1'" . DC  B 1 13 ? -5.188  -11.974 -9.693  1.00 68.06  ? 13 DC  B "C1'" 1 
ATOM   539 N N1    . DC  B 1 13 ? -3.881  -11.117 -9.792  1.00 80.14  ? 13 DC  B N1    1 
ATOM   540 C C2    . DC  B 1 13 ? -3.889  -9.841  -10.424 1.00 95.44  ? 13 DC  B C2    1 
ATOM   541 O O2    . DC  B 1 13 ? -4.930  -9.384  -10.932 1.00 109.93 ? 13 DC  B O2    1 
ATOM   542 N N3    . DC  B 1 13 ? -2.738  -9.101  -10.488 1.00 86.54  ? 13 DC  B N3    1 
ATOM   543 C C4    . DC  B 1 13 ? -1.597  -9.553  -9.953  1.00 77.79  ? 13 DC  B C4    1 
ATOM   544 N N4    . DC  B 1 13 ? -0.503  -8.769  -10.048 1.00 56.24  ? 13 DC  B N4    1 
ATOM   545 C C5    . DC  B 1 13 ? -1.561  -10.830 -9.308  1.00 69.27  ? 13 DC  B C5    1 
ATOM   546 C C6    . DC  B 1 13 ? -2.695  -11.552 -9.252  1.00 73.01  ? 13 DC  B C6    1 
ATOM   547 P P     . DG  B 1 14 ? -6.666  -14.611 -13.795 1.00 70.74  ? 14 DG  B P     1 
ATOM   548 O OP1   . DG  B 1 14 ? -8.069  -14.915 -14.146 1.00 89.75  ? 14 DG  B OP1   1 
ATOM   549 O OP2   . DG  B 1 14 ? -5.719  -15.741 -13.692 1.00 62.56  ? 14 DG  B OP2   1 
ATOM   550 O "O5'" . DG  B 1 14 ? -6.158  -13.570 -14.890 1.00 51.86  ? 14 DG  B "O5'" 1 
ATOM   551 C "C5'" . DG  B 1 14 ? -6.297  -13.975 -16.223 1.00 46.97  ? 14 DG  B "C5'" 1 
ATOM   552 C "C4'" . DG  B 1 14 ? -5.637  -12.975 -17.123 1.00 40.31  ? 14 DG  B "C4'" 1 
ATOM   553 O "O4'" . DG  B 1 14 ? -5.744  -11.698 -16.461 1.00 50.82  ? 14 DG  B "O4'" 1 
ATOM   554 C "C3'" . DG  B 1 14 ? -4.153  -13.220 -17.321 1.00 48.85  ? 14 DG  B "C3'" 1 
ATOM   555 O "O3'" . DG  B 1 14 ? -3.873  -14.060 -18.436 1.00 52.08  ? 14 DG  B "O3'" 1 
ATOM   556 C "C2'" . DG  B 1 14 ? -3.689  -11.816 -17.627 1.00 46.76  ? 14 DG  B "C2'" 1 
ATOM   557 C "C1'" . DG  B 1 14 ? -4.567  -10.952 -16.717 1.00 67.83  ? 14 DG  B "C1'" 1 
ATOM   558 N N9    . DG  B 1 14 ? -3.845  -10.667 -15.489 1.00 72.46  ? 14 DG  B N9    1 
ATOM   559 C C8    . DG  B 1 14 ? -4.150  -11.158 -14.250 1.00 73.43  ? 14 DG  B C8    1 
ATOM   560 N N7    . DG  B 1 14 ? -3.306  -10.760 -13.344 1.00 88.70  ? 14 DG  B N7    1 
ATOM   561 C C5    . DG  B 1 14 ? -2.384  -9.958  -14.016 1.00 82.23  ? 14 DG  B C5    1 
ATOM   562 C C6    . DG  B 1 14 ? -1.238  -9.249  -13.551 1.00 81.30  ? 14 DG  B C6    1 
ATOM   563 O O6    . DG  B 1 14 ? -0.771  -9.183  -12.410 1.00 83.44  ? 14 DG  B O6    1 
ATOM   564 N N1    . DG  B 1 14 ? -0.581  -8.562  -14.569 1.00 55.88  ? 14 DG  B N1    1 
ATOM   565 C C2    . DG  B 1 14 ? -0.975  -8.561  -15.886 1.00 41.69  ? 14 DG  B C2    1 
ATOM   566 N N2    . DG  B 1 14 ? -0.228  -7.843  -16.742 1.00 34.70  ? 14 DG  B N2    1 
ATOM   567 N N3    . DG  B 1 14 ? -2.043  -9.212  -16.321 1.00 46.91  ? 14 DG  B N3    1 
ATOM   568 C C4    . DG  B 1 14 ? -2.703  -9.896  -15.350 1.00 70.02  ? 14 DG  B C4    1 
HETATM 569 O O     . HOH C 2 .  ? 3.881   -9.125  11.090  1.00 24.68  ? 15 HOH A O     1 
HETATM 570 O O     . HOH C 2 .  ? 0.906   9.911   10.893  1.00 30.32  ? 16 HOH A O     1 
HETATM 571 O O     . HOH C 2 .  ? 8.678   -10.481 11.914  1.00 27.17  ? 17 HOH A O     1 
HETATM 572 O O     . HOH C 2 .  ? 3.992   -7.998  15.495  1.00 30.62  ? 18 HOH A O     1 
HETATM 573 O O     . HOH C 2 .  ? 7.709   -7.377  12.613  1.00 17.38  ? 19 HOH A O     1 
HETATM 574 O O     . HOH C 2 .  ? -11.857 -9.441  -13.354 1.00 19.57  ? 20 HOH A O     1 
HETATM 575 O O     . HOH C 2 .  ? 5.359   -3.462  15.759  1.00 21.54  ? 21 HOH A O     1 
HETATM 576 O O     . HOH C 2 .  ? -5.216  -0.618  11.318  1.00 23.12  ? 22 HOH A O     1 
HETATM 577 O O     . HOH C 2 .  ? 4.803   20.719  0.975   1.00 19.59  ? 23 HOH A O     1 
HETATM 578 O O     . HOH C 2 .  ? -7.921  -8.296  -11.743 1.00 29.07  ? 24 HOH A O     1 
HETATM 579 O O     . HOH C 2 .  ? -6.304  -7.773  3.052   1.00 18.02  ? 25 HOH A O     1 
HETATM 580 O O     . HOH C 2 .  ? -11.610 0.616   -9.741  1.00 34.51  ? 26 HOH A O     1 
HETATM 581 O O     . HOH C 2 .  ? 3.327   -6.223  -9.757  1.00 26.84  ? 27 HOH A O     1 
HETATM 582 O O     . HOH C 2 .  ? 11.793  -0.635  18.548  1.00 20.24  ? 28 HOH A O     1 
HETATM 583 O O     . HOH C 2 .  ? 0.763   -4.004  -7.369  1.00 24.34  ? 29 HOH A O     1 
HETATM 584 O O     . HOH C 2 .  ? 0.302   -1.921  -3.526  1.00 22.59  ? 31 HOH A O     1 
HETATM 585 O O     . HOH C 2 .  ? 8.984   -13.939 15.045  1.00 20.85  ? 32 HOH A O     1 
HETATM 586 O O     . HOH C 2 .  ? -1.162  14.524  15.729  1.00 30.23  ? 36 HOH A O     1 
HETATM 587 O O     . HOH C 2 .  ? 5.926   19.128  6.637   1.00 21.95  ? 37 HOH A O     1 
HETATM 588 O O     . HOH C 2 .  ? 3.483   -3.170  -2.726  1.00 28.76  ? 38 HOH A O     1 
HETATM 589 O O     . HOH C 2 .  ? -3.443  0.597   -2.422  1.00 24.52  ? 39 HOH A O     1 
HETATM 590 O O     . HOH C 2 .  ? -7.684  2.247   -12.847 1.00 21.32  ? 40 HOH A O     1 
HETATM 591 O O     . HOH C 2 .  ? -10.411 -0.677  -11.736 1.00 33.08  ? 41 HOH A O     1 
HETATM 592 O O     . HOH C 2 .  ? 5.058   -2.762  -6.588  1.00 16.56  ? 45 HOH A O     1 
HETATM 593 O O     . HOH D 2 .  ? 10.185  11.307  -1.769  1.00 25.94  ? 15 HOH B O     1 
HETATM 594 O O     . HOH D 2 .  ? 12.840  -5.214  8.080   1.00 19.50  ? 16 HOH B O     1 
HETATM 595 O O     . HOH D 2 .  ? 11.133  -6.966  3.973   1.00 15.29  ? 18 HOH B O     1 
HETATM 596 O O     . HOH D 2 .  ? 7.352   -14.860 -6.448  1.00 26.29  ? 19 HOH B O     1 
HETATM 597 O O     . HOH D 2 .  ? 4.542   -18.427 -5.826  1.00 22.43  ? 20 HOH B O     1 
HETATM 598 O O     . HOH D 2 .  ? -11.433 12.723  5.023   1.00 19.19  ? 21 HOH B O     1 
HETATM 599 O O     . HOH D 2 .  ? 13.915  2.429   -5.261  1.00 16.32  ? 22 HOH B O     1 
HETATM 600 O O     . HOH D 2 .  ? 10.093  5.204   1.987   1.00 24.37  ? 23 HOH B O     1 
HETATM 601 O O     . HOH D 2 .  ? 12.152  6.841   0.067   1.00 25.93  ? 24 HOH B O     1 
HETATM 602 O O     . HOH D 2 .  ? -1.021  -13.333 -10.946 1.00 15.83  ? 25 HOH B O     1 
HETATM 603 O O     . HOH D 2 .  ? -11.281 8.806   6.286   1.00 24.78  ? 26 HOH B O     1 
HETATM 604 O O     . HOH D 2 .  ? 7.369   8.721   -2.410  1.00 16.19  ? 27 HOH B O     1 
HETATM 605 O O     . HOH D 2 .  ? 6.803   -9.780  4.910   1.00 20.94  ? 28 HOH B O     1 
HETATM 606 O O     . HOH D 2 .  ? -9.733  0.206   5.043   1.00 21.13  ? 29 HOH B O     1 
HETATM 607 O O     . HOH D 2 .  ? 3.161   1.807   -6.387  1.00 27.13  ? 30 HOH B O     1 
HETATM 608 O O     . HOH D 2 .  ? 1.033   11.168  0.323   1.00 16.72  ? 33 HOH B O     1 
HETATM 609 O O     . HOH D 2 .  ? -7.514  -15.215 -2.578  1.00 21.81  ? 34 HOH B O     1 
HETATM 610 O O     . HOH D 2 .  ? -5.217  -19.672 -10.855 1.00 19.84  ? 35 HOH B O     1 
HETATM 611 O O     . HOH D 2 .  ? 0.518   -17.467 -10.677 1.00 18.13  ? 42 HOH B O     1 
HETATM 612 O O     . HOH D 2 .  ? 6.460   -16.048 -0.244  1.00 10.75  ? 43 HOH B O     1 
HETATM 613 O O     . HOH D 2 .  ? -9.609  -9.604  -6.426  1.00 13.83  ? 44 HOH B O     1 
HETATM 614 O O     . HOH D 2 .  ? -0.811  3.640   7.525   1.00 22.19  ? 46 HOH B O     1 
# 
